data_7AGT
#
_entry.id   7AGT
#
_cell.length_a   148.476
_cell.length_b   156.119
_cell.length_c   115.552
_cell.angle_alpha   90
_cell.angle_beta   90
_cell.angle_gamma   90
#
_symmetry.space_group_name_H-M   'C 2 2 21'
#
loop_
_entity.id
_entity.type
_entity.pdbx_description
1 polymer 'Mycocerosic acid synthase'
2 non-polymer 'MALONIC ACID'
3 water water
#
_entity_poly.entity_id   1
_entity_poly.type   'polypeptide(L)'
_entity_poly.pdbx_seq_one_letter_code
;MGSSHHHHHHSSPRLFMLSSTSSDALRQTARQLATWVEEHQDCVAASDLAYTLARGRAHRPVRTAVVAANLPELVEGLRE
VADGDALYDAAVGHGDRGPVWVFSGQGSQWAAMGTQLLASEPVFAATIAKLEPVIAAESGFSVTEAITAQQTVTGIDKVQ
PAVFAVQVALAATMEQTYGVRPGAVVGHSMGESAAAVVAGALSLEDAARVICRRSKLMTRIAGAGAMGSVELPAKQVNSE
LMARGIDDVVVSVVASPQSTVIGGTSDTVRDLIARWEQRDVMAREVAVDVAFHSPQVDPILDDLAAALADIAPMTPKVPY
YSATLFDPREQPVCDGAYWVDNLRNTVQFAAAVQAAMEDGYRVFAELSPHPLLTHAVEQTGRSLDMSVAALAGMRREQPL
PHGLRGLLTELHRAGAALDYSALYPAGRLVDAPLPAWGS
;
_entity_poly.pdbx_strand_id   A,B
#
loop_
_chem_comp.id
_chem_comp.type
_chem_comp.name
_chem_comp.formula
MLA non-polymer 'MALONIC ACID' 'C3 H4 O4'
#
# COMPACT_ATOMS: atom_id res chain seq x y z
N HIS A 10 17.70 -15.16 -9.41
CA HIS A 10 17.63 -14.23 -8.28
C HIS A 10 19.04 -13.86 -7.72
N SER A 11 20.08 -14.66 -8.06
CA SER A 11 21.47 -14.39 -7.64
C SER A 11 22.32 -13.74 -8.79
N SER A 12 21.61 -13.11 -9.79
CA SER A 12 22.18 -12.38 -10.93
C SER A 12 22.47 -10.92 -10.49
N PRO A 13 23.47 -10.21 -11.07
CA PRO A 13 23.78 -8.85 -10.61
C PRO A 13 22.67 -7.82 -10.88
N ARG A 14 22.37 -6.99 -9.90
CA ARG A 14 21.32 -5.98 -9.96
C ARG A 14 21.86 -4.59 -9.77
N LEU A 15 21.14 -3.62 -10.27
CA LEU A 15 21.50 -2.21 -10.20
C LEU A 15 20.68 -1.56 -9.06
N PHE A 16 21.38 -1.09 -8.03
CA PHE A 16 20.71 -0.44 -6.92
C PHE A 16 20.90 1.07 -7.02
N MET A 17 19.84 1.84 -7.25
CA MET A 17 19.97 3.28 -7.39
C MET A 17 19.97 4.02 -6.06
N LEU A 18 20.80 5.01 -5.97
CA LEU A 18 21.01 5.78 -4.75
C LEU A 18 21.21 7.21 -5.18
N SER A 19 20.49 8.15 -4.57
CA SER A 19 20.59 9.54 -4.96
C SER A 19 20.46 10.47 -3.80
N SER A 20 21.01 11.69 -3.93
CA SER A 20 20.90 12.70 -2.90
C SER A 20 21.03 14.12 -3.50
N THR A 21 21.27 15.13 -2.66
CA THR A 21 21.36 16.52 -3.07
C THR A 21 22.81 17.03 -3.23
N SER A 22 23.78 16.28 -2.69
CA SER A 22 25.20 16.60 -2.79
C SER A 22 26.03 15.30 -2.74
N SER A 23 27.33 15.39 -3.09
CA SER A 23 28.23 14.22 -3.03
C SER A 23 28.39 13.75 -1.56
N ASP A 24 28.46 14.70 -0.61
CA ASP A 24 28.59 14.33 0.81
C ASP A 24 27.32 13.70 1.35
N ALA A 25 26.16 14.25 0.96
CA ALA A 25 24.89 13.69 1.39
C ALA A 25 24.63 12.32 0.73
N LEU A 26 25.12 12.13 -0.51
CA LEU A 26 24.99 10.84 -1.19
C LEU A 26 25.84 9.78 -0.45
N ARG A 27 27.01 10.18 0.10
CA ARG A 27 27.85 9.27 0.88
C ARG A 27 27.20 8.93 2.22
N GLN A 28 26.54 9.92 2.82
CA GLN A 28 25.82 9.70 4.07
C GLN A 28 24.65 8.74 3.86
N THR A 29 23.94 8.89 2.71
CA THR A 29 22.83 8.00 2.39
C THR A 29 23.37 6.58 2.11
N ALA A 30 24.54 6.46 1.46
CA ALA A 30 25.17 5.18 1.19
C ALA A 30 25.55 4.45 2.50
N ARG A 31 26.08 5.20 3.47
CA ARG A 31 26.48 4.64 4.75
C ARG A 31 25.27 4.19 5.59
N GLN A 32 24.22 5.01 5.58
CA GLN A 32 22.97 4.76 6.30
C GLN A 32 22.30 3.51 5.68
N LEU A 33 22.28 3.41 4.34
CA LEU A 33 21.71 2.25 3.66
C LEU A 33 22.52 0.99 3.94
N ALA A 34 23.89 1.06 3.87
CA ALA A 34 24.76 -0.10 4.12
C ALA A 34 24.54 -0.68 5.52
N THR A 35 24.38 0.18 6.52
CA THR A 35 24.15 -0.24 7.88
C THR A 35 22.80 -0.97 7.98
N TRP A 36 21.77 -0.46 7.25
CA TRP A 36 20.43 -1.06 7.22
C TRP A 36 20.42 -2.40 6.48
N VAL A 37 21.05 -2.47 5.31
CA VAL A 37 21.16 -3.70 4.52
C VAL A 37 21.91 -4.76 5.32
N GLU A 38 23.00 -4.38 6.00
CA GLU A 38 23.76 -5.30 6.81
C GLU A 38 22.94 -5.86 7.95
N GLU A 39 22.10 -5.03 8.57
CA GLU A 39 21.26 -5.48 9.67
C GLU A 39 20.05 -6.31 9.23
N HIS A 40 19.53 -6.06 8.02
CA HIS A 40 18.32 -6.76 7.57
C HIS A 40 18.53 -7.67 6.38
N GLN A 41 19.78 -8.08 6.09
CA GLN A 41 20.05 -8.89 4.90
C GLN A 41 19.36 -10.24 4.88
N ASP A 42 19.15 -10.81 6.05
CA ASP A 42 18.48 -12.10 6.16
C ASP A 42 16.94 -11.99 5.97
N CYS A 43 16.40 -10.77 6.00
CA CYS A 43 14.96 -10.51 5.89
C CYS A 43 14.54 -9.95 4.55
N VAL A 44 15.44 -9.24 3.88
CA VAL A 44 15.13 -8.55 2.65
C VAL A 44 15.66 -9.28 1.45
N ALA A 45 14.83 -9.38 0.40
CA ALA A 45 15.23 -9.97 -0.88
C ALA A 45 15.93 -8.89 -1.69
N ALA A 46 17.03 -9.24 -2.39
CA ALA A 46 17.75 -8.25 -3.21
C ALA A 46 16.88 -7.64 -4.28
N SER A 47 15.98 -8.44 -4.84
CA SER A 47 15.07 -7.96 -5.87
C SER A 47 14.09 -6.90 -5.36
N ASP A 48 13.58 -7.08 -4.15
CA ASP A 48 12.66 -6.14 -3.54
C ASP A 48 13.35 -4.82 -3.22
N LEU A 49 14.56 -4.87 -2.68
CA LEU A 49 15.30 -3.66 -2.37
C LEU A 49 15.67 -2.91 -3.64
N ALA A 50 16.03 -3.62 -4.74
CA ALA A 50 16.39 -2.94 -5.99
C ALA A 50 15.19 -2.23 -6.60
N TYR A 51 14.01 -2.88 -6.52
CA TYR A 51 12.71 -2.41 -6.98
C TYR A 51 12.33 -1.14 -6.17
N THR A 52 12.45 -1.22 -4.84
CA THR A 52 12.14 -0.12 -3.92
C THR A 52 13.02 1.08 -4.22
N LEU A 53 14.33 0.90 -4.39
CA LEU A 53 15.24 2.01 -4.64
C LEU A 53 14.99 2.72 -5.98
N ALA A 54 14.50 1.99 -6.99
CA ALA A 54 14.27 2.50 -8.33
C ALA A 54 12.86 3.01 -8.58
N ARG A 55 11.85 2.29 -8.07
CA ARG A 55 10.47 2.67 -8.28
C ARG A 55 9.75 3.25 -7.05
N GLY A 56 10.34 3.09 -5.88
CA GLY A 56 9.76 3.58 -4.63
C GLY A 56 10.49 4.76 -4.03
N ARG A 57 11.41 5.38 -4.78
CA ARG A 57 12.13 6.55 -4.33
C ARG A 57 12.05 7.64 -5.38
N ALA A 58 11.89 8.89 -4.95
CA ALA A 58 11.87 10.01 -5.91
C ALA A 58 13.35 10.37 -6.14
N HIS A 59 13.86 10.10 -7.36
CA HIS A 59 15.26 10.34 -7.66
C HIS A 59 15.66 11.81 -7.51
N ARG A 60 16.69 12.02 -6.66
CA ARG A 60 17.22 13.32 -6.32
C ARG A 60 18.31 13.76 -7.35
N PRO A 61 18.79 15.02 -7.34
CA PRO A 61 19.74 15.48 -8.39
C PRO A 61 21.08 14.75 -8.52
N VAL A 62 21.72 14.43 -7.42
CA VAL A 62 23.03 13.77 -7.44
C VAL A 62 22.86 12.25 -7.36
N ARG A 63 23.03 11.54 -8.51
CA ARG A 63 22.77 10.11 -8.57
C ARG A 63 23.97 9.22 -8.76
N THR A 64 23.82 7.98 -8.33
CA THR A 64 24.76 6.87 -8.53
C THR A 64 23.94 5.55 -8.48
N ALA A 65 24.59 4.44 -8.77
CA ALA A 65 24.00 3.12 -8.73
C ALA A 65 25.13 2.16 -8.41
N VAL A 66 24.86 1.17 -7.58
CA VAL A 66 25.84 0.18 -7.19
C VAL A 66 25.38 -1.15 -7.80
N VAL A 67 26.29 -1.85 -8.49
CA VAL A 67 25.94 -3.15 -9.06
C VAL A 67 26.33 -4.24 -8.03
N ALA A 68 25.45 -5.22 -7.78
CA ALA A 68 25.74 -6.29 -6.83
C ALA A 68 24.84 -7.49 -7.07
N ALA A 69 25.37 -8.71 -6.89
CA ALA A 69 24.65 -9.97 -7.05
C ALA A 69 24.04 -10.47 -5.71
N ASN A 70 24.59 -9.99 -4.58
CA ASN A 70 24.06 -10.31 -3.29
C ASN A 70 24.09 -9.10 -2.34
N LEU A 71 23.32 -9.16 -1.25
CA LEU A 71 23.26 -8.07 -0.29
C LEU A 71 24.62 -7.78 0.38
N PRO A 72 25.47 -8.78 0.79
CA PRO A 72 26.80 -8.44 1.31
C PRO A 72 27.68 -7.75 0.27
N GLU A 73 27.51 -8.06 -1.01
CA GLU A 73 28.25 -7.41 -2.09
C GLU A 73 27.79 -5.93 -2.21
N LEU A 74 26.50 -5.67 -1.98
CA LEU A 74 25.95 -4.32 -2.03
C LEU A 74 26.46 -3.52 -0.83
N VAL A 75 26.56 -4.15 0.37
CA VAL A 75 27.10 -3.44 1.54
C VAL A 75 28.56 -3.02 1.29
N GLU A 76 29.32 -3.81 0.52
CA GLU A 76 30.70 -3.46 0.18
C GLU A 76 30.72 -2.28 -0.77
N GLY A 77 29.89 -2.34 -1.81
CA GLY A 77 29.79 -1.27 -2.79
C GLY A 77 29.30 0.03 -2.20
N LEU A 78 28.33 -0.04 -1.28
CA LEU A 78 27.77 1.14 -0.64
C LEU A 78 28.78 1.77 0.28
N ARG A 79 29.49 0.94 1.08
CA ARG A 79 30.56 1.39 1.97
C ARG A 79 31.75 1.96 1.22
N GLU A 80 32.02 1.44 0.02
CA GLU A 80 33.08 1.92 -0.84
C GLU A 80 32.72 3.35 -1.27
N VAL A 81 31.46 3.59 -1.64
CA VAL A 81 30.97 4.91 -2.05
C VAL A 81 31.10 5.87 -0.86
N ALA A 82 30.56 5.44 0.31
CA ALA A 82 30.52 6.20 1.57
C ALA A 82 31.87 6.59 2.12
N ASP A 83 32.88 5.74 1.87
CA ASP A 83 34.23 6.03 2.38
C ASP A 83 35.04 6.90 1.42
N GLY A 84 34.77 6.77 0.12
CA GLY A 84 35.46 7.50 -0.93
C GLY A 84 35.39 9.02 -0.88
N ASP A 85 35.90 9.64 -1.96
CA ASP A 85 35.89 11.09 -2.15
C ASP A 85 35.70 11.37 -3.63
N ALA A 86 34.65 10.75 -4.19
CA ALA A 86 34.33 10.96 -5.59
C ALA A 86 33.40 12.15 -5.69
N LEU A 87 33.45 12.84 -6.83
CA LEU A 87 32.58 13.97 -7.07
C LEU A 87 31.51 13.49 -8.03
N TYR A 88 30.26 13.45 -7.55
CA TYR A 88 29.15 12.97 -8.35
C TYR A 88 28.48 14.13 -9.02
N ASP A 89 28.56 14.16 -10.36
CA ASP A 89 27.94 15.21 -11.15
C ASP A 89 26.42 15.16 -10.99
N ALA A 90 25.76 16.33 -10.94
CA ALA A 90 24.30 16.37 -10.79
C ALA A 90 23.62 16.11 -12.12
N ALA A 91 22.38 15.61 -12.10
CA ALA A 91 21.61 15.38 -13.30
C ALA A 91 21.33 16.71 -14.00
N VAL A 92 21.40 16.74 -15.34
CA VAL A 92 21.10 17.94 -16.10
C VAL A 92 19.64 17.98 -16.55
N GLY A 93 19.00 16.83 -16.63
CA GLY A 93 17.58 16.76 -16.96
C GLY A 93 16.74 16.61 -15.71
N HIS A 94 15.47 16.98 -15.79
CA HIS A 94 14.61 16.93 -14.61
C HIS A 94 13.62 15.73 -14.61
N GLY A 95 13.93 14.69 -15.38
CA GLY A 95 13.09 13.49 -15.51
C GLY A 95 11.77 13.74 -16.21
N ASP A 96 11.59 14.91 -16.83
CA ASP A 96 10.36 15.25 -17.54
C ASP A 96 10.45 14.94 -19.04
N ARG A 97 11.66 15.03 -19.62
CA ARG A 97 11.85 14.77 -21.04
C ARG A 97 12.75 13.59 -21.24
N GLY A 98 12.46 12.83 -22.28
CA GLY A 98 13.31 11.71 -22.64
C GLY A 98 14.62 12.17 -23.24
N PRO A 99 15.53 11.22 -23.49
CA PRO A 99 16.80 11.60 -24.10
C PRO A 99 16.62 11.95 -25.57
N VAL A 100 17.54 12.74 -26.12
CA VAL A 100 17.53 13.04 -27.55
C VAL A 100 18.51 12.06 -28.14
N TRP A 101 18.05 11.14 -29.00
CA TRP A 101 18.98 10.20 -29.62
C TRP A 101 19.68 10.94 -30.76
N VAL A 102 21.02 10.85 -30.80
CA VAL A 102 21.84 11.44 -31.84
C VAL A 102 22.36 10.32 -32.73
N PHE A 103 22.07 10.39 -34.03
CA PHE A 103 22.48 9.38 -35.00
C PHE A 103 23.52 10.04 -35.90
N SER A 104 24.80 9.71 -35.71
CA SER A 104 25.88 10.30 -36.48
C SER A 104 26.02 9.64 -37.92
N GLY A 105 26.96 10.13 -38.75
CA GLY A 105 27.18 9.56 -40.07
C GLY A 105 28.14 8.38 -40.08
N GLN A 106 28.87 8.23 -41.18
CA GLN A 106 29.90 7.21 -41.41
C GLN A 106 31.10 7.52 -40.56
N GLY A 107 31.96 6.51 -40.35
CA GLY A 107 33.22 6.67 -39.64
C GLY A 107 33.25 6.12 -38.25
N SER A 108 32.08 5.68 -37.74
CA SER A 108 31.98 5.13 -36.41
C SER A 108 32.34 3.61 -36.37
N GLN A 109 32.26 2.92 -37.52
CA GLN A 109 32.52 1.49 -37.70
C GLN A 109 33.86 1.01 -37.22
N TRP A 110 33.84 -0.19 -36.59
CA TRP A 110 34.97 -0.91 -36.07
C TRP A 110 34.76 -2.45 -36.15
N ALA A 111 35.87 -3.23 -36.16
CA ALA A 111 35.84 -4.69 -36.34
C ALA A 111 35.09 -5.39 -35.24
N ALA A 112 34.10 -6.24 -35.64
CA ALA A 112 33.22 -7.04 -34.77
C ALA A 112 32.46 -6.20 -33.77
N MET A 113 32.02 -5.00 -34.24
CA MET A 113 31.28 -4.02 -33.44
C MET A 113 29.95 -4.56 -32.90
N GLY A 114 29.32 -5.48 -33.62
CA GLY A 114 28.05 -6.03 -33.21
C GLY A 114 28.08 -7.36 -32.48
N THR A 115 29.24 -8.00 -32.35
CA THR A 115 29.35 -9.30 -31.70
C THR A 115 28.81 -9.37 -30.26
N GLN A 116 29.27 -8.50 -29.33
CA GLN A 116 28.84 -8.59 -27.94
C GLN A 116 27.38 -8.27 -27.78
N LEU A 117 26.85 -7.31 -28.55
CA LEU A 117 25.44 -6.94 -28.43
C LEU A 117 24.52 -7.98 -29.01
N LEU A 118 24.96 -8.71 -30.05
CA LEU A 118 24.16 -9.80 -30.60
C LEU A 118 24.00 -10.90 -29.54
N ALA A 119 25.04 -11.14 -28.74
CA ALA A 119 24.97 -12.14 -27.68
C ALA A 119 24.26 -11.66 -26.40
N SER A 120 24.52 -10.42 -25.96
CA SER A 120 23.99 -9.92 -24.69
C SER A 120 22.62 -9.25 -24.74
N GLU A 121 22.21 -8.73 -25.92
CA GLU A 121 20.94 -8.02 -26.09
C GLU A 121 20.05 -8.66 -27.14
N PRO A 122 19.02 -9.38 -26.68
CA PRO A 122 18.14 -10.09 -27.64
C PRO A 122 17.38 -9.19 -28.58
N VAL A 123 17.02 -7.98 -28.15
CA VAL A 123 16.33 -7.06 -29.01
C VAL A 123 17.28 -6.52 -30.11
N PHE A 124 18.61 -6.45 -29.83
CA PHE A 124 19.59 -6.03 -30.80
C PHE A 124 19.65 -7.15 -31.87
N ALA A 125 19.71 -8.41 -31.44
CA ALA A 125 19.75 -9.55 -32.33
C ALA A 125 18.51 -9.67 -33.19
N ALA A 126 17.30 -9.39 -32.60
CA ALA A 126 16.03 -9.46 -33.30
C ALA A 126 15.98 -8.37 -34.40
N THR A 127 16.48 -7.17 -34.08
CA THR A 127 16.48 -6.06 -35.02
C THR A 127 17.44 -6.35 -36.18
N ILE A 128 18.60 -6.94 -35.89
CA ILE A 128 19.56 -7.27 -36.92
C ILE A 128 19.00 -8.38 -37.81
N ALA A 129 18.19 -9.31 -37.23
CA ALA A 129 17.55 -10.41 -37.97
C ALA A 129 16.51 -9.87 -38.95
N LYS A 130 15.76 -8.81 -38.56
CA LYS A 130 14.77 -8.18 -39.44
C LYS A 130 15.47 -7.56 -40.65
N LEU A 131 16.60 -6.88 -40.40
CA LEU A 131 17.34 -6.18 -41.43
C LEU A 131 18.12 -7.11 -42.33
N GLU A 132 18.56 -8.27 -41.81
CA GLU A 132 19.39 -9.20 -42.57
C GLU A 132 18.90 -9.50 -43.99
N PRO A 133 17.62 -9.96 -44.20
CA PRO A 133 17.17 -10.28 -45.56
C PRO A 133 16.97 -9.05 -46.45
N VAL A 134 16.64 -7.89 -45.85
CA VAL A 134 16.45 -6.64 -46.57
C VAL A 134 17.80 -6.17 -47.13
N ILE A 135 18.84 -6.08 -46.26
CA ILE A 135 20.17 -5.66 -46.70
C ILE A 135 20.76 -6.66 -47.67
N ALA A 136 20.45 -7.97 -47.49
CA ALA A 136 20.93 -8.98 -48.40
C ALA A 136 20.33 -8.79 -49.78
N ALA A 137 19.00 -8.54 -49.86
CA ALA A 137 18.30 -8.32 -51.14
C ALA A 137 18.72 -7.01 -51.81
N GLU A 138 18.85 -5.93 -51.02
CA GLU A 138 19.20 -4.61 -51.52
C GLU A 138 20.66 -4.43 -51.87
N SER A 139 21.59 -4.81 -50.98
CA SER A 139 23.02 -4.55 -51.19
C SER A 139 23.88 -5.80 -51.54
N GLY A 140 23.30 -6.99 -51.40
CA GLY A 140 24.00 -8.21 -51.73
C GLY A 140 25.07 -8.66 -50.76
N PHE A 141 24.85 -8.48 -49.45
CA PHE A 141 25.79 -8.95 -48.45
C PHE A 141 25.09 -9.20 -47.12
N SER A 142 25.74 -10.00 -46.26
CA SER A 142 25.20 -10.30 -44.95
C SER A 142 25.63 -9.22 -43.97
N VAL A 143 24.67 -8.48 -43.39
CA VAL A 143 25.00 -7.47 -42.40
C VAL A 143 25.50 -8.14 -41.08
N THR A 144 25.01 -9.35 -40.77
CA THR A 144 25.48 -10.08 -39.58
C THR A 144 26.95 -10.48 -39.74
N GLU A 145 27.34 -10.97 -40.93
CA GLU A 145 28.73 -11.30 -41.21
C GLU A 145 29.59 -10.03 -41.10
N ALA A 146 29.13 -8.93 -41.70
CA ALA A 146 29.84 -7.66 -41.69
C ALA A 146 30.15 -7.11 -40.28
N ILE A 147 29.14 -7.08 -39.39
CA ILE A 147 29.32 -6.53 -38.04
C ILE A 147 29.94 -7.51 -37.03
N THR A 148 30.27 -8.74 -37.46
CA THR A 148 30.91 -9.72 -36.58
C THR A 148 32.27 -10.21 -37.09
N ALA A 149 32.66 -9.83 -38.33
CA ALA A 149 33.93 -10.16 -38.98
C ALA A 149 35.12 -9.60 -38.20
N GLN A 150 36.28 -10.26 -38.35
CA GLN A 150 37.51 -9.86 -37.69
C GLN A 150 38.14 -8.57 -38.27
N GLN A 151 37.67 -8.16 -39.46
CA GLN A 151 38.09 -6.97 -40.17
C GLN A 151 36.90 -5.98 -40.18
N THR A 152 37.18 -4.68 -40.00
CA THR A 152 36.17 -3.61 -40.01
C THR A 152 35.51 -3.55 -41.39
N VAL A 153 34.19 -3.30 -41.43
CA VAL A 153 33.47 -3.19 -42.70
C VAL A 153 34.03 -2.03 -43.55
N THR A 154 34.33 -2.30 -44.85
CA THR A 154 34.85 -1.27 -45.76
C THR A 154 33.98 -1.17 -47.04
N GLY A 155 34.05 -0.04 -47.76
CA GLY A 155 33.26 0.18 -48.97
C GLY A 155 31.96 0.88 -48.62
N ILE A 156 31.66 2.05 -49.22
CA ILE A 156 30.50 2.86 -48.83
C ILE A 156 29.20 2.07 -48.85
N ASP A 157 29.07 1.15 -49.80
CA ASP A 157 27.90 0.28 -50.00
C ASP A 157 27.70 -0.77 -48.88
N LYS A 158 28.76 -1.04 -48.07
CA LYS A 158 28.72 -1.97 -46.96
C LYS A 158 28.73 -1.22 -45.64
N VAL A 159 29.55 -0.18 -45.53
CA VAL A 159 29.64 0.65 -44.34
C VAL A 159 28.30 1.26 -43.93
N GLN A 160 27.62 1.98 -44.85
CA GLN A 160 26.36 2.67 -44.52
C GLN A 160 25.27 1.72 -44.04
N PRO A 161 24.93 0.62 -44.74
CA PRO A 161 23.92 -0.32 -44.19
C PRO A 161 24.35 -0.94 -42.86
N ALA A 162 25.65 -1.25 -42.65
CA ALA A 162 26.14 -1.83 -41.39
C ALA A 162 26.04 -0.85 -40.20
N VAL A 163 26.43 0.41 -40.38
CA VAL A 163 26.36 1.42 -39.32
C VAL A 163 24.91 1.74 -39.00
N PHE A 164 24.04 1.88 -40.05
CA PHE A 164 22.60 2.11 -39.90
C PHE A 164 21.99 0.93 -39.11
N ALA A 165 22.36 -0.31 -39.42
CA ALA A 165 21.84 -1.47 -38.73
C ALA A 165 22.17 -1.43 -37.22
N VAL A 166 23.42 -1.04 -36.83
CA VAL A 166 23.80 -0.92 -35.43
C VAL A 166 23.00 0.18 -34.79
N GLN A 167 22.86 1.34 -35.45
CA GLN A 167 22.11 2.48 -34.93
C GLN A 167 20.68 2.14 -34.57
N VAL A 168 19.97 1.47 -35.46
CA VAL A 168 18.57 1.15 -35.24
C VAL A 168 18.38 0.02 -34.22
N ALA A 169 19.34 -0.92 -34.14
CA ALA A 169 19.28 -2.01 -33.16
C ALA A 169 19.55 -1.48 -31.75
N LEU A 170 20.42 -0.47 -31.61
CA LEU A 170 20.69 0.23 -30.36
C LEU A 170 19.41 0.90 -29.85
N ALA A 171 18.72 1.73 -30.68
CA ALA A 171 17.48 2.40 -30.30
C ALA A 171 16.33 1.47 -29.93
N ALA A 172 16.19 0.33 -30.65
CA ALA A 172 15.13 -0.63 -30.37
C ALA A 172 15.44 -1.28 -29.02
N THR A 173 16.73 -1.63 -28.74
CA THR A 173 17.12 -2.23 -27.46
C THR A 173 16.81 -1.28 -26.30
N MET A 174 17.15 0.02 -26.46
CA MET A 174 16.93 1.01 -25.43
C MET A 174 15.48 1.19 -25.10
N GLU A 175 14.61 1.16 -26.11
CA GLU A 175 13.19 1.30 -25.88
C GLU A 175 12.52 0.00 -25.40
N GLN A 176 12.71 -1.10 -26.13
CA GLN A 176 12.09 -2.36 -25.77
C GLN A 176 12.61 -2.98 -24.50
N THR A 177 13.94 -3.09 -24.32
CA THR A 177 14.49 -3.69 -23.10
C THR A 177 14.57 -2.71 -21.92
N TYR A 178 15.09 -1.50 -22.12
CA TYR A 178 15.32 -0.59 -21.01
C TYR A 178 14.22 0.50 -20.79
N GLY A 179 13.10 0.48 -21.53
CA GLY A 179 12.03 1.45 -21.29
C GLY A 179 12.35 2.92 -21.50
N VAL A 180 13.42 3.19 -22.31
CA VAL A 180 13.84 4.54 -22.70
C VAL A 180 13.20 4.97 -24.04
N ARG A 181 12.09 5.73 -24.00
CA ARG A 181 11.43 6.28 -25.20
C ARG A 181 12.11 7.60 -25.44
N PRO A 182 12.57 7.88 -26.67
CA PRO A 182 13.27 9.15 -26.90
C PRO A 182 12.36 10.35 -26.81
N GLY A 183 12.91 11.43 -26.30
CA GLY A 183 12.22 12.70 -26.22
C GLY A 183 12.19 13.34 -27.60
N ALA A 184 13.29 13.21 -28.35
CA ALA A 184 13.44 13.71 -29.69
C ALA A 184 14.56 12.90 -30.38
N VAL A 185 14.73 13.05 -31.72
CA VAL A 185 15.81 12.44 -32.50
C VAL A 185 16.50 13.54 -33.31
N VAL A 186 17.81 13.41 -33.53
CA VAL A 186 18.61 14.28 -34.37
C VAL A 186 19.53 13.38 -35.16
N GLY A 187 19.52 13.51 -36.49
CA GLY A 187 20.39 12.78 -37.39
C GLY A 187 21.38 13.69 -38.09
N HIS A 188 22.51 13.13 -38.48
CA HIS A 188 23.58 13.82 -39.21
C HIS A 188 23.88 12.97 -40.44
N SER A 189 23.67 13.50 -41.64
CA SER A 189 24.00 12.78 -42.87
C SER A 189 23.15 11.46 -42.94
N MET A 190 23.77 10.26 -43.18
CA MET A 190 23.14 8.94 -43.18
C MET A 190 22.46 8.63 -41.84
N GLY A 191 22.84 9.32 -40.76
CA GLY A 191 22.22 9.15 -39.47
C GLY A 191 20.74 9.46 -39.50
N GLU A 192 20.30 10.25 -40.49
CA GLU A 192 18.92 10.62 -40.65
C GLU A 192 18.03 9.46 -41.04
N SER A 193 18.59 8.35 -41.63
CA SER A 193 17.73 7.19 -41.93
C SER A 193 17.35 6.54 -40.62
N ALA A 194 18.31 6.37 -39.67
CA ALA A 194 17.96 5.77 -38.37
C ALA A 194 17.04 6.72 -37.59
N ALA A 195 17.28 8.04 -37.68
CA ALA A 195 16.44 9.06 -37.04
C ALA A 195 15.00 8.94 -37.54
N ALA A 196 14.80 8.78 -38.86
CA ALA A 196 13.48 8.60 -39.45
C ALA A 196 12.77 7.31 -38.96
N VAL A 197 13.47 6.16 -38.82
CA VAL A 197 12.85 4.92 -38.33
C VAL A 197 12.39 5.13 -36.85
N VAL A 198 13.30 5.66 -36.02
CA VAL A 198 13.06 5.88 -34.62
C VAL A 198 11.96 6.92 -34.40
N ALA A 199 11.86 7.94 -35.28
CA ALA A 199 10.78 8.92 -35.16
C ALA A 199 9.49 8.51 -35.82
N GLY A 200 9.43 7.34 -36.47
CA GLY A 200 8.22 6.89 -37.12
C GLY A 200 7.91 7.52 -38.47
N ALA A 201 8.89 8.23 -39.06
CA ALA A 201 8.77 8.87 -40.38
C ALA A 201 8.88 7.83 -41.53
N LEU A 202 9.65 6.78 -41.33
CA LEU A 202 9.80 5.69 -42.29
C LEU A 202 9.72 4.36 -41.54
N SER A 203 9.34 3.30 -42.26
CA SER A 203 9.35 1.96 -41.69
C SER A 203 10.83 1.52 -41.66
N LEU A 204 11.18 0.52 -40.80
CA LEU A 204 12.54 -0.02 -40.69
C LEU A 204 13.11 -0.40 -42.06
N GLU A 205 12.25 -1.07 -42.85
CA GLU A 205 12.53 -1.57 -44.18
C GLU A 205 12.75 -0.44 -45.20
N ASP A 206 11.89 0.58 -45.19
CA ASP A 206 12.04 1.68 -46.15
C ASP A 206 13.29 2.48 -45.86
N ALA A 207 13.62 2.67 -44.58
CA ALA A 207 14.85 3.35 -44.18
C ALA A 207 16.09 2.53 -44.57
N ALA A 208 15.99 1.20 -44.52
CA ALA A 208 17.08 0.31 -44.93
C ALA A 208 17.24 0.42 -46.44
N ARG A 209 16.11 0.51 -47.19
CA ARG A 209 16.12 0.66 -48.63
C ARG A 209 16.86 1.97 -48.97
N VAL A 210 16.54 3.08 -48.26
CA VAL A 210 17.15 4.41 -48.44
C VAL A 210 18.65 4.35 -48.29
N ILE A 211 19.10 3.74 -47.20
CA ILE A 211 20.53 3.66 -46.93
C ILE A 211 21.27 2.69 -47.90
N CYS A 212 20.59 1.62 -48.37
CA CYS A 212 21.19 0.62 -49.28
C CYS A 212 21.36 1.17 -50.68
N ARG A 213 20.30 1.76 -51.18
CA ARG A 213 20.26 2.34 -52.50
C ARG A 213 21.15 3.55 -52.66
N ARG A 214 21.12 4.43 -51.67
CA ARG A 214 21.91 5.63 -51.73
C ARG A 214 23.40 5.30 -51.67
N SER A 215 23.84 4.32 -50.86
CA SER A 215 25.25 3.92 -50.78
C SER A 215 25.75 3.19 -52.04
N LYS A 216 24.87 2.47 -52.74
CA LYS A 216 25.21 1.77 -53.98
C LYS A 216 25.46 2.81 -55.10
N LEU A 217 24.62 3.85 -55.16
CA LEU A 217 24.80 4.94 -56.13
C LEU A 217 26.07 5.72 -55.86
N MET A 218 26.42 5.90 -54.59
CA MET A 218 27.63 6.63 -54.24
C MET A 218 28.90 5.91 -54.63
N THR A 219 28.87 4.58 -54.85
CA THR A 219 30.07 3.86 -55.31
C THR A 219 30.53 4.36 -56.69
N ARG A 220 29.59 4.84 -57.51
CA ARG A 220 29.89 5.36 -58.84
C ARG A 220 30.79 6.62 -58.77
N ILE A 221 30.64 7.43 -57.71
CA ILE A 221 31.42 8.67 -57.55
C ILE A 221 32.53 8.56 -56.47
N ALA A 222 32.94 7.32 -56.14
CA ALA A 222 33.98 7.09 -55.12
C ALA A 222 35.29 7.59 -55.64
N GLY A 223 35.98 8.33 -54.79
CA GLY A 223 37.29 8.90 -55.09
C GLY A 223 37.25 10.37 -55.49
N ALA A 224 36.10 10.87 -55.93
CA ALA A 224 35.95 12.27 -56.37
C ALA A 224 35.74 13.27 -55.20
N GLY A 225 36.81 13.99 -54.86
CA GLY A 225 36.81 14.96 -53.78
C GLY A 225 37.33 14.50 -52.42
N ALA A 226 37.42 15.43 -51.45
CA ALA A 226 37.89 15.25 -50.08
C ALA A 226 37.14 16.16 -49.10
N MET A 227 37.23 15.86 -47.79
CA MET A 227 36.62 16.66 -46.74
C MET A 227 37.62 17.02 -45.62
N GLY A 228 37.36 18.13 -44.92
CA GLY A 228 38.19 18.59 -43.82
C GLY A 228 37.42 19.27 -42.71
N SER A 229 37.79 19.01 -41.45
CA SER A 229 37.14 19.64 -40.30
C SER A 229 37.99 20.80 -39.82
N VAL A 230 37.40 21.97 -39.54
CA VAL A 230 38.13 23.12 -39.03
C VAL A 230 37.40 23.74 -37.84
N GLU A 231 38.12 24.13 -36.79
CA GLU A 231 37.51 24.72 -35.59
C GLU A 231 37.32 26.22 -35.76
N LEU A 232 36.51 26.59 -36.78
CA LEU A 232 36.11 27.94 -37.17
C LEU A 232 34.61 27.94 -37.49
N PRO A 233 33.87 29.00 -37.15
CA PRO A 233 32.44 29.02 -37.48
C PRO A 233 32.24 29.09 -39.00
N ALA A 234 31.12 28.54 -39.49
CA ALA A 234 30.82 28.47 -40.92
C ALA A 234 30.78 29.81 -41.63
N LYS A 235 30.25 30.86 -40.98
CA LYS A 235 30.22 32.19 -41.60
C LYS A 235 31.62 32.68 -41.90
N GLN A 236 32.59 32.35 -41.03
CA GLN A 236 33.99 32.74 -41.18
C GLN A 236 34.63 31.91 -42.29
N VAL A 237 34.34 30.60 -42.33
CA VAL A 237 34.88 29.72 -43.35
C VAL A 237 34.40 30.16 -44.74
N ASN A 238 33.11 30.48 -44.88
CA ASN A 238 32.56 30.96 -46.15
C ASN A 238 33.17 32.26 -46.60
N SER A 239 33.45 33.16 -45.64
CA SER A 239 34.07 34.44 -45.93
C SER A 239 35.47 34.24 -46.51
N GLU A 240 36.23 33.29 -45.94
CA GLU A 240 37.58 32.94 -46.41
C GLU A 240 37.56 32.33 -47.81
N LEU A 241 36.58 31.46 -48.09
CA LEU A 241 36.46 30.85 -49.41
C LEU A 241 36.15 31.89 -50.46
N MET A 242 35.25 32.83 -50.14
CA MET A 242 34.89 33.89 -51.07
C MET A 242 36.07 34.82 -51.26
N ALA A 243 36.74 35.20 -50.16
CA ALA A 243 37.90 36.09 -50.23
C ALA A 243 39.03 35.50 -51.09
N ARG A 244 39.25 34.16 -51.01
CA ARG A 244 40.29 33.51 -51.81
C ARG A 244 39.87 33.14 -53.25
N GLY A 245 38.60 33.39 -53.61
CA GLY A 245 38.03 33.09 -54.93
C GLY A 245 37.81 31.62 -55.18
N ILE A 246 37.57 30.85 -54.12
CA ILE A 246 37.41 29.41 -54.20
C ILE A 246 35.98 29.03 -54.49
N ASP A 247 35.74 28.31 -55.60
CA ASP A 247 34.39 27.80 -55.91
C ASP A 247 34.29 26.25 -55.93
N ASP A 248 35.43 25.57 -55.83
CA ASP A 248 35.49 24.13 -55.87
C ASP A 248 35.41 23.45 -54.50
N VAL A 249 35.36 24.23 -53.41
CA VAL A 249 35.25 23.76 -52.02
C VAL A 249 34.11 24.62 -51.36
N VAL A 250 33.18 23.96 -50.63
CA VAL A 250 32.04 24.62 -49.96
C VAL A 250 31.89 24.11 -48.50
N VAL A 251 31.09 24.80 -47.68
CA VAL A 251 30.77 24.33 -46.34
C VAL A 251 29.74 23.16 -46.48
N SER A 252 30.18 21.97 -46.06
CA SER A 252 29.44 20.73 -46.14
C SER A 252 28.68 20.40 -44.86
N VAL A 253 29.24 20.74 -43.70
CA VAL A 253 28.60 20.46 -42.41
C VAL A 253 28.78 21.64 -41.49
N VAL A 254 27.81 22.01 -40.69
CA VAL A 254 27.94 23.05 -39.65
C VAL A 254 27.60 22.34 -38.35
N ALA A 255 28.66 21.81 -37.70
CA ALA A 255 28.62 20.90 -36.56
C ALA A 255 28.35 21.55 -35.23
N SER A 256 28.93 22.73 -35.06
CA SER A 256 28.81 23.49 -33.83
C SER A 256 29.04 24.96 -34.15
N PRO A 257 28.67 25.86 -33.22
CA PRO A 257 28.97 27.29 -33.40
C PRO A 257 30.46 27.60 -33.62
N GLN A 258 31.36 26.68 -33.29
CA GLN A 258 32.77 26.86 -33.53
C GLN A 258 33.34 25.85 -34.50
N SER A 259 32.61 24.82 -34.96
CA SER A 259 33.17 23.82 -35.87
C SER A 259 32.46 23.70 -37.22
N THR A 260 33.25 23.51 -38.31
CA THR A 260 32.79 23.44 -39.69
C THR A 260 33.51 22.34 -40.51
N VAL A 261 32.80 21.64 -41.40
CA VAL A 261 33.39 20.65 -42.28
C VAL A 261 33.25 21.16 -43.70
N ILE A 262 34.35 21.34 -44.41
CA ILE A 262 34.37 21.74 -45.81
C ILE A 262 34.49 20.50 -46.69
N GLY A 263 34.08 20.63 -47.95
CA GLY A 263 34.14 19.52 -48.90
C GLY A 263 34.28 20.05 -50.30
N GLY A 264 35.00 19.32 -51.12
CA GLY A 264 35.22 19.72 -52.50
C GLY A 264 36.39 19.01 -53.13
N THR A 265 37.12 19.65 -54.07
CA THR A 265 38.27 19.02 -54.71
C THR A 265 39.37 18.67 -53.70
N SER A 266 40.04 17.53 -53.92
CA SER A 266 41.02 17.00 -52.99
C SER A 266 42.19 17.94 -52.66
N ASP A 267 42.79 18.57 -53.65
CA ASP A 267 43.94 19.46 -53.42
C ASP A 267 43.60 20.72 -52.64
N THR A 268 42.52 21.41 -53.01
CA THR A 268 42.10 22.64 -52.35
C THR A 268 41.70 22.41 -50.90
N VAL A 269 41.08 21.27 -50.60
CA VAL A 269 40.71 20.93 -49.23
C VAL A 269 41.99 20.74 -48.39
N ARG A 270 42.94 19.97 -48.91
CA ARG A 270 44.19 19.72 -48.21
C ARG A 270 45.05 20.99 -48.06
N ASP A 271 44.98 21.90 -49.05
CA ASP A 271 45.69 23.19 -49.00
C ASP A 271 45.11 24.04 -47.88
N LEU A 272 43.79 24.10 -47.78
CA LEU A 272 43.12 24.88 -46.77
C LEU A 272 43.43 24.37 -45.39
N ILE A 273 43.49 23.03 -45.18
CA ILE A 273 43.80 22.44 -43.87
C ILE A 273 45.22 22.79 -43.43
N ALA A 274 46.18 22.71 -44.37
CA ALA A 274 47.58 23.00 -44.13
C ALA A 274 47.76 24.47 -43.67
N ARG A 275 47.06 25.42 -44.37
CA ARG A 275 47.03 26.86 -44.12
C ARG A 275 46.41 27.16 -42.74
N TRP A 276 45.32 26.47 -42.37
CA TRP A 276 44.65 26.69 -41.07
C TRP A 276 45.53 26.26 -39.93
N GLU A 277 46.23 25.12 -40.09
CA GLU A 277 47.16 24.62 -39.09
C GLU A 277 48.35 25.56 -38.90
N GLN A 278 48.81 26.21 -39.99
CA GLN A 278 49.88 27.20 -39.93
C GLN A 278 49.48 28.47 -39.14
N ARG A 279 48.17 28.75 -39.05
CA ARG A 279 47.62 29.89 -38.28
C ARG A 279 47.17 29.42 -36.86
N ASP A 280 47.61 28.24 -36.43
CA ASP A 280 47.31 27.62 -35.14
C ASP A 280 45.81 27.41 -34.95
N VAL A 281 45.11 27.07 -36.05
CA VAL A 281 43.68 26.74 -36.06
C VAL A 281 43.60 25.25 -36.23
N MET A 282 42.90 24.58 -35.33
CA MET A 282 42.77 23.14 -35.35
C MET A 282 42.01 22.73 -36.63
N ALA A 283 42.70 22.04 -37.53
CA ALA A 283 42.13 21.54 -38.79
C ALA A 283 42.64 20.10 -39.05
N ARG A 284 41.74 19.15 -39.45
CA ARG A 284 42.09 17.73 -39.75
C ARG A 284 41.36 17.23 -41.02
N GLU A 285 42.08 16.55 -41.98
CA GLU A 285 41.41 15.94 -43.13
C GLU A 285 40.53 14.78 -42.64
N VAL A 286 39.31 14.69 -43.17
CA VAL A 286 38.39 13.63 -42.82
C VAL A 286 38.49 12.54 -43.88
N ALA A 287 38.55 11.28 -43.43
CA ALA A 287 38.66 10.14 -44.34
C ALA A 287 37.36 9.89 -45.13
N VAL A 288 37.35 10.25 -46.43
CA VAL A 288 36.16 10.09 -47.22
C VAL A 288 36.50 9.64 -48.64
N ASP A 289 35.60 8.83 -49.23
CA ASP A 289 35.71 8.36 -50.61
C ASP A 289 35.11 9.46 -51.51
N VAL A 290 33.95 10.03 -51.08
CA VAL A 290 33.18 11.06 -51.78
C VAL A 290 33.09 12.36 -50.97
N ALA A 291 33.16 13.54 -51.63
CA ALA A 291 32.96 14.80 -50.91
C ALA A 291 31.45 15.08 -50.89
N PHE A 292 30.73 14.59 -49.86
CA PHE A 292 29.28 14.79 -49.80
C PHE A 292 28.89 16.20 -49.39
N HIS A 293 27.60 16.54 -49.57
CA HIS A 293 27.06 17.85 -49.22
C HIS A 293 27.77 18.99 -49.95
N SER A 294 28.19 18.70 -51.18
CA SER A 294 28.85 19.58 -52.11
C SER A 294 28.35 19.21 -53.54
N PRO A 295 28.70 20.02 -54.57
CA PRO A 295 28.34 19.65 -55.93
C PRO A 295 28.96 18.33 -56.42
N GLN A 296 29.90 17.70 -55.67
CA GLN A 296 30.49 16.42 -56.10
C GLN A 296 29.40 15.33 -56.21
N VAL A 297 28.29 15.44 -55.43
CA VAL A 297 27.23 14.42 -55.45
C VAL A 297 26.17 14.67 -56.48
N ASP A 298 26.23 15.80 -57.22
CA ASP A 298 25.25 16.19 -58.24
C ASP A 298 24.94 15.10 -59.29
N PRO A 299 25.96 14.40 -59.88
CA PRO A 299 25.64 13.41 -60.92
C PRO A 299 24.67 12.28 -60.54
N ILE A 300 24.73 11.81 -59.29
CA ILE A 300 23.89 10.71 -58.85
C ILE A 300 22.52 11.10 -58.26
N LEU A 301 22.21 12.40 -58.12
CA LEU A 301 20.96 12.84 -57.51
C LEU A 301 19.68 12.48 -58.30
N ASP A 302 19.73 12.48 -59.64
CA ASP A 302 18.53 12.11 -60.40
C ASP A 302 18.23 10.62 -60.25
N ASP A 303 19.27 9.79 -60.27
CA ASP A 303 19.16 8.35 -60.11
C ASP A 303 18.66 7.99 -58.72
N LEU A 304 19.06 8.76 -57.70
CA LEU A 304 18.63 8.54 -56.32
C LEU A 304 17.14 8.82 -56.17
N ALA A 305 16.68 9.92 -56.74
CA ALA A 305 15.28 10.34 -56.73
C ALA A 305 14.37 9.25 -57.29
N ALA A 306 14.83 8.62 -58.39
CA ALA A 306 14.17 7.53 -59.10
C ALA A 306 14.14 6.27 -58.27
N ALA A 307 15.26 5.95 -57.56
CA ALA A 307 15.38 4.77 -56.71
C ALA A 307 14.46 4.84 -55.51
N LEU A 308 14.23 6.05 -54.99
CA LEU A 308 13.41 6.27 -53.80
C LEU A 308 11.97 6.79 -54.10
N ALA A 309 11.54 6.68 -55.35
CA ALA A 309 10.20 7.11 -55.77
C ALA A 309 9.05 6.31 -55.10
N ASP A 310 9.37 5.11 -54.61
CA ASP A 310 8.42 4.17 -53.97
C ASP A 310 8.46 4.27 -52.39
N ILE A 311 9.49 4.93 -51.82
CA ILE A 311 9.62 5.10 -50.37
C ILE A 311 8.40 5.84 -49.81
N ALA A 312 7.69 5.24 -48.85
CA ALA A 312 6.46 5.79 -48.26
C ALA A 312 6.64 6.57 -46.96
N PRO A 313 6.77 7.91 -47.00
CA PRO A 313 6.92 8.66 -45.75
C PRO A 313 5.66 8.71 -44.90
N MET A 314 5.84 8.90 -43.60
CA MET A 314 4.79 9.02 -42.58
C MET A 314 5.08 10.20 -41.67
N THR A 315 4.03 10.71 -41.00
CA THR A 315 4.19 11.85 -40.10
C THR A 315 4.98 11.43 -38.87
N PRO A 316 6.08 12.12 -38.53
CA PRO A 316 6.85 11.73 -37.34
C PRO A 316 6.03 11.76 -36.05
N LYS A 317 6.16 10.67 -35.28
CA LYS A 317 5.52 10.47 -33.97
C LYS A 317 6.36 11.09 -32.82
N VAL A 318 7.64 11.41 -33.06
CA VAL A 318 8.55 11.98 -32.07
C VAL A 318 9.15 13.30 -32.64
N PRO A 319 9.47 14.32 -31.80
CA PRO A 319 10.11 15.54 -32.32
C PRO A 319 11.38 15.20 -33.10
N TYR A 320 11.44 15.61 -34.36
CA TYR A 320 12.53 15.29 -35.27
C TYR A 320 13.16 16.61 -35.66
N TYR A 321 14.40 16.80 -35.17
CA TYR A 321 15.18 17.99 -35.42
C TYR A 321 16.02 17.78 -36.69
N SER A 322 15.54 18.34 -37.82
CA SER A 322 16.17 18.17 -39.12
C SER A 322 17.42 18.97 -39.36
N ALA A 323 18.46 18.27 -39.78
CA ALA A 323 19.72 18.89 -40.19
C ALA A 323 19.79 19.08 -41.74
N THR A 324 18.71 18.72 -42.46
CA THR A 324 18.55 18.85 -43.91
C THR A 324 17.73 20.10 -44.22
N LEU A 325 16.61 20.29 -43.51
CA LEU A 325 15.69 21.42 -43.72
C LEU A 325 16.30 22.71 -43.21
N PHE A 326 15.83 23.85 -43.72
CA PHE A 326 16.34 25.16 -43.27
C PHE A 326 15.79 25.61 -41.90
N ASP A 327 14.73 24.91 -41.40
CA ASP A 327 14.15 25.07 -40.08
C ASP A 327 14.18 23.67 -39.48
N PRO A 328 14.99 23.46 -38.44
CA PRO A 328 15.04 22.13 -37.82
C PRO A 328 13.75 21.76 -37.06
N ARG A 329 13.01 22.79 -36.62
CA ARG A 329 11.74 22.57 -35.96
C ARG A 329 10.65 22.13 -36.93
N GLU A 330 10.82 22.35 -38.25
CA GLU A 330 9.90 21.88 -39.27
C GLU A 330 9.97 20.32 -39.28
N GLN A 331 8.82 19.67 -39.50
CA GLN A 331 8.77 18.21 -39.45
C GLN A 331 8.92 17.64 -40.84
N PRO A 332 9.91 16.76 -41.04
CA PRO A 332 10.19 16.26 -42.38
C PRO A 332 9.15 15.38 -43.08
N VAL A 333 9.12 15.51 -44.42
CA VAL A 333 8.36 14.62 -45.26
C VAL A 333 9.47 13.77 -45.87
N CYS A 334 9.73 12.58 -45.30
CA CYS A 334 10.87 11.77 -45.70
C CYS A 334 10.70 11.01 -47.01
N ASP A 335 10.35 11.72 -48.07
CA ASP A 335 10.24 11.14 -49.40
C ASP A 335 11.61 11.16 -50.12
N GLY A 336 11.66 10.68 -51.37
CA GLY A 336 12.88 10.64 -52.16
C GLY A 336 13.58 11.96 -52.27
N ALA A 337 12.80 13.05 -52.32
CA ALA A 337 13.30 14.42 -52.41
C ALA A 337 14.04 14.78 -51.14
N TYR A 338 13.53 14.35 -49.96
CA TYR A 338 14.19 14.61 -48.70
C TYR A 338 15.54 13.95 -48.66
N TRP A 339 15.65 12.69 -49.14
CA TRP A 339 16.93 11.99 -49.09
C TRP A 339 17.93 12.48 -50.11
N VAL A 340 17.46 13.07 -51.22
CA VAL A 340 18.35 13.69 -52.17
C VAL A 340 18.91 14.98 -51.48
N ASP A 341 18.02 15.80 -50.87
CA ASP A 341 18.45 17.02 -50.19
C ASP A 341 19.36 16.71 -49.03
N ASN A 342 19.12 15.61 -48.33
CA ASN A 342 19.92 15.20 -47.20
C ASN A 342 21.41 14.95 -47.61
N LEU A 343 21.61 14.38 -48.81
CA LEU A 343 22.93 14.11 -49.35
C LEU A 343 23.59 15.35 -49.95
N ARG A 344 22.81 16.25 -50.56
CA ARG A 344 23.36 17.41 -51.24
C ARG A 344 23.47 18.68 -50.38
N ASN A 345 22.49 18.95 -49.54
CA ASN A 345 22.50 20.14 -48.69
C ASN A 345 23.53 20.05 -47.56
N THR A 346 23.97 21.20 -47.04
CA THR A 346 24.86 21.28 -45.89
C THR A 346 24.18 20.60 -44.68
N VAL A 347 24.92 19.85 -43.85
CA VAL A 347 24.35 19.24 -42.66
C VAL A 347 24.29 20.34 -41.60
N GLN A 348 23.12 20.89 -41.34
CA GLN A 348 22.94 21.95 -40.33
C GLN A 348 22.72 21.32 -38.95
N PHE A 349 23.73 20.57 -38.47
CA PHE A 349 23.66 19.81 -37.25
C PHE A 349 23.62 20.71 -36.03
N ALA A 350 24.43 21.78 -35.99
CA ALA A 350 24.45 22.73 -34.89
C ALA A 350 23.11 23.42 -34.68
N ALA A 351 22.44 23.81 -35.77
CA ALA A 351 21.14 24.46 -35.74
C ALA A 351 20.10 23.52 -35.17
N ALA A 352 20.16 22.21 -35.53
CA ALA A 352 19.21 21.20 -35.06
C ALA A 352 19.41 20.96 -33.56
N VAL A 353 20.67 20.78 -33.09
CA VAL A 353 21.01 20.60 -31.68
C VAL A 353 20.61 21.82 -30.86
N GLN A 354 20.85 23.01 -31.41
CA GLN A 354 20.49 24.27 -30.78
C GLN A 354 18.97 24.40 -30.62
N ALA A 355 18.18 23.98 -31.63
CA ALA A 355 16.74 24.04 -31.56
C ALA A 355 16.23 23.13 -30.42
N ALA A 356 16.77 21.89 -30.33
CA ALA A 356 16.39 20.92 -29.29
C ALA A 356 16.75 21.44 -27.93
N MET A 357 17.91 22.09 -27.78
CA MET A 357 18.31 22.67 -26.50
C MET A 357 17.42 23.87 -26.13
N GLU A 358 17.12 24.73 -27.10
CA GLU A 358 16.22 25.86 -26.86
C GLU A 358 14.82 25.37 -26.42
N ASP A 359 14.40 24.21 -26.96
CA ASP A 359 13.10 23.62 -26.60
C ASP A 359 13.12 22.86 -25.24
N GLY A 360 14.27 22.78 -24.59
CA GLY A 360 14.35 22.20 -23.27
C GLY A 360 15.03 20.87 -23.10
N TYR A 361 15.53 20.27 -24.18
CA TYR A 361 16.20 18.98 -24.06
C TYR A 361 17.63 19.20 -23.57
N ARG A 362 18.06 18.47 -22.54
CA ARG A 362 19.42 18.61 -21.97
C ARG A 362 20.23 17.32 -22.00
N VAL A 363 19.57 16.16 -22.21
CA VAL A 363 20.24 14.86 -22.23
C VAL A 363 20.25 14.34 -23.66
N PHE A 364 21.45 14.16 -24.22
CA PHE A 364 21.69 13.65 -25.57
C PHE A 364 22.49 12.38 -25.47
N ALA A 365 22.13 11.36 -26.25
CA ALA A 365 22.90 10.13 -26.25
C ALA A 365 23.10 9.70 -27.69
N GLU A 366 24.33 9.49 -28.10
CA GLU A 366 24.63 9.10 -29.45
C GLU A 366 24.52 7.61 -29.65
N LEU A 367 23.49 7.15 -30.37
CA LEU A 367 23.34 5.72 -30.64
C LEU A 367 24.11 5.36 -31.91
N SER A 368 25.38 5.05 -31.77
CA SER A 368 26.27 4.77 -32.87
C SER A 368 27.43 3.86 -32.38
N PRO A 369 28.14 3.18 -33.29
CA PRO A 369 29.22 2.27 -32.86
C PRO A 369 30.39 2.91 -32.11
N HIS A 370 30.55 4.24 -32.21
CA HIS A 370 31.59 5.05 -31.57
C HIS A 370 31.18 6.52 -31.67
N PRO A 371 31.38 7.33 -30.61
CA PRO A 371 30.96 8.75 -30.66
C PRO A 371 31.74 9.67 -31.63
N LEU A 372 31.01 10.28 -32.59
CA LEU A 372 31.55 11.21 -33.57
C LEU A 372 31.06 12.63 -33.29
N LEU A 373 29.96 12.84 -32.59
CA LEU A 373 29.35 14.17 -32.41
C LEU A 373 29.09 14.59 -30.94
N THR A 374 29.77 13.94 -29.98
CA THR A 374 29.59 14.27 -28.56
C THR A 374 30.12 15.65 -28.31
N HIS A 375 31.34 15.95 -28.83
CA HIS A 375 32.00 17.26 -28.68
C HIS A 375 31.20 18.34 -29.35
N ALA A 376 30.61 18.06 -30.53
CA ALA A 376 29.74 19.01 -31.21
C ALA A 376 28.55 19.44 -30.33
N VAL A 377 27.86 18.46 -29.70
CA VAL A 377 26.73 18.69 -28.79
C VAL A 377 27.18 19.54 -27.57
N GLU A 378 28.32 19.20 -26.99
CA GLU A 378 28.87 19.92 -25.84
C GLU A 378 29.19 21.37 -26.18
N GLN A 379 29.78 21.59 -27.37
CA GLN A 379 30.11 22.92 -27.88
C GLN A 379 28.85 23.77 -28.04
N THR A 380 27.73 23.19 -28.53
CA THR A 380 26.48 23.95 -28.67
C THR A 380 25.91 24.32 -27.28
N GLY A 381 25.95 23.38 -26.34
CA GLY A 381 25.46 23.62 -24.99
C GLY A 381 26.16 24.77 -24.31
N ARG A 382 27.51 24.77 -24.43
CA ARG A 382 28.44 25.76 -23.89
C ARG A 382 28.12 27.14 -24.48
N SER A 383 27.81 27.19 -25.80
CA SER A 383 27.48 28.45 -26.48
C SER A 383 26.17 29.04 -25.98
N LEU A 384 25.21 28.18 -25.60
CA LEU A 384 23.91 28.59 -25.05
C LEU A 384 23.94 28.78 -23.51
N ASP A 385 25.12 28.57 -22.86
CA ASP A 385 25.33 28.64 -21.41
C ASP A 385 24.41 27.66 -20.68
N MET A 386 24.31 26.44 -21.24
CA MET A 386 23.46 25.42 -20.67
C MET A 386 24.27 24.22 -20.24
N SER A 387 23.77 23.55 -19.19
CA SER A 387 24.40 22.34 -18.69
C SER A 387 23.68 21.19 -19.37
N VAL A 388 24.40 20.54 -20.29
CA VAL A 388 23.88 19.43 -21.06
C VAL A 388 24.75 18.21 -20.83
N ALA A 389 24.20 17.02 -21.14
CA ALA A 389 24.90 15.75 -21.06
C ALA A 389 24.96 15.19 -22.47
N ALA A 390 26.15 14.86 -22.96
CA ALA A 390 26.30 14.25 -24.29
C ALA A 390 26.93 12.88 -24.09
N LEU A 391 26.09 11.85 -24.06
CA LEU A 391 26.53 10.49 -23.81
C LEU A 391 26.82 9.75 -25.09
N ALA A 392 27.64 8.69 -24.99
CA ALA A 392 27.96 7.80 -26.08
C ALA A 392 27.31 6.44 -25.80
N GLY A 393 26.54 5.89 -26.75
CA GLY A 393 25.88 4.60 -26.62
C GLY A 393 26.89 3.46 -26.57
N MET A 394 27.89 3.54 -27.43
CA MET A 394 29.00 2.60 -27.40
C MET A 394 30.31 3.22 -27.91
N ARG A 395 31.43 2.59 -27.57
CA ARG A 395 32.75 3.01 -27.97
C ARG A 395 33.48 1.85 -28.60
N ARG A 396 34.38 2.15 -29.46
CA ARG A 396 35.23 1.23 -30.18
C ARG A 396 36.04 0.41 -29.19
N GLU A 397 35.92 -0.92 -29.27
CA GLU A 397 36.56 -1.98 -28.47
C GLU A 397 36.12 -2.00 -26.99
N GLN A 398 34.99 -1.36 -26.67
CA GLN A 398 34.48 -1.35 -25.31
C GLN A 398 33.76 -2.62 -24.96
N PRO A 399 34.19 -3.33 -23.91
CA PRO A 399 33.48 -4.53 -23.48
C PRO A 399 32.07 -4.19 -23.02
N LEU A 400 31.10 -4.98 -23.47
CA LEU A 400 29.69 -4.81 -23.12
C LEU A 400 29.17 -6.15 -22.55
N PRO A 401 29.71 -6.61 -21.40
CA PRO A 401 29.25 -7.90 -20.86
C PRO A 401 27.80 -7.86 -20.41
N HIS A 402 27.33 -6.68 -19.95
CA HIS A 402 25.94 -6.53 -19.53
C HIS A 402 25.13 -5.71 -20.52
N GLY A 403 25.49 -5.78 -21.80
CA GLY A 403 24.82 -5.06 -22.86
C GLY A 403 24.77 -3.57 -22.64
N LEU A 404 23.61 -2.99 -22.84
CA LEU A 404 23.41 -1.57 -22.71
C LEU A 404 22.97 -1.10 -21.34
N ARG A 405 23.08 -1.94 -20.30
CA ARG A 405 22.72 -1.59 -18.93
C ARG A 405 23.51 -0.38 -18.44
N GLY A 406 24.77 -0.24 -18.91
CA GLY A 406 25.62 0.89 -18.58
C GLY A 406 25.09 2.21 -19.12
N LEU A 407 24.60 2.20 -20.38
CA LEU A 407 24.02 3.39 -20.99
C LEU A 407 22.75 3.77 -20.26
N LEU A 408 21.93 2.79 -19.83
CA LEU A 408 20.72 3.05 -19.05
C LEU A 408 21.08 3.77 -17.77
N THR A 409 22.14 3.31 -17.03
CA THR A 409 22.65 3.91 -15.80
C THR A 409 23.09 5.35 -16.05
N GLU A 410 23.82 5.61 -17.15
CA GLU A 410 24.26 6.94 -17.45
C GLU A 410 23.11 7.85 -17.82
N LEU A 411 22.07 7.34 -18.51
CA LEU A 411 20.88 8.14 -18.83
C LEU A 411 20.15 8.51 -17.53
N HIS A 412 20.03 7.54 -16.58
CA HIS A 412 19.41 7.77 -15.29
C HIS A 412 20.20 8.82 -14.52
N ARG A 413 21.54 8.65 -14.40
CA ARG A 413 22.37 9.60 -13.68
C ARG A 413 22.25 11.02 -14.23
N ALA A 414 22.10 11.16 -15.57
CA ALA A 414 21.95 12.43 -16.26
C ALA A 414 20.57 13.07 -16.15
N GLY A 415 19.56 12.31 -15.74
CA GLY A 415 18.23 12.87 -15.52
C GLY A 415 17.27 12.74 -16.68
N ALA A 416 17.50 11.75 -17.57
CA ALA A 416 16.58 11.54 -18.67
C ALA A 416 15.35 10.82 -18.13
N ALA A 417 14.17 11.20 -18.65
CA ALA A 417 12.92 10.54 -18.31
C ALA A 417 12.95 9.13 -18.88
N LEU A 418 12.66 8.13 -18.02
CA LEU A 418 12.57 6.75 -18.48
C LEU A 418 11.49 5.95 -17.69
N ASP A 419 11.09 4.79 -18.23
CA ASP A 419 10.07 3.94 -17.63
C ASP A 419 10.81 2.93 -16.72
N TYR A 420 10.78 3.17 -15.39
CA TYR A 420 11.51 2.28 -14.47
C TYR A 420 10.87 0.89 -14.34
N SER A 421 9.63 0.71 -14.82
CA SER A 421 8.97 -0.59 -14.78
C SER A 421 9.49 -1.56 -15.84
N ALA A 422 10.40 -1.11 -16.74
CA ALA A 422 10.96 -1.99 -17.75
C ALA A 422 12.12 -2.71 -17.11
N LEU A 423 13.01 -1.99 -16.39
CA LEU A 423 14.13 -2.65 -15.73
C LEU A 423 13.72 -3.34 -14.38
N TYR A 424 12.69 -2.80 -13.66
CA TYR A 424 12.26 -3.31 -12.35
C TYR A 424 10.77 -3.62 -12.47
N PRO A 425 10.37 -4.64 -13.23
CA PRO A 425 8.94 -4.84 -13.52
C PRO A 425 8.01 -5.13 -12.33
N ALA A 426 8.50 -5.84 -11.28
CA ALA A 426 7.70 -6.14 -10.09
C ALA A 426 8.56 -6.46 -8.83
N GLY A 427 7.96 -6.25 -7.67
CA GLY A 427 8.58 -6.44 -6.37
C GLY A 427 7.78 -5.80 -5.24
N ARG A 428 8.37 -5.77 -4.05
CA ARG A 428 7.74 -5.26 -2.83
C ARG A 428 8.44 -4.02 -2.31
N LEU A 429 7.64 -3.04 -1.86
CA LEU A 429 8.19 -1.87 -1.26
C LEU A 429 8.71 -2.21 0.15
N VAL A 430 10.05 -2.20 0.32
CA VAL A 430 10.63 -2.51 1.61
C VAL A 430 10.83 -1.25 2.45
N ASP A 431 10.81 -1.42 3.80
CA ASP A 431 10.94 -0.27 4.69
C ASP A 431 12.40 0.13 4.84
N ALA A 432 13.06 0.40 3.71
CA ALA A 432 14.44 0.86 3.64
C ALA A 432 14.45 2.31 4.14
N PRO A 433 15.59 2.84 4.64
CA PRO A 433 15.57 4.22 5.13
C PRO A 433 15.23 5.28 4.09
N LEU A 434 14.63 6.35 4.56
CA LEU A 434 14.26 7.48 3.73
C LEU A 434 15.13 8.58 4.25
N PRO A 435 16.14 9.03 3.51
CA PRO A 435 16.96 10.14 4.02
C PRO A 435 16.13 11.41 4.21
N ALA A 436 16.48 12.27 5.21
CA ALA A 436 15.81 13.56 5.46
C ALA A 436 15.74 14.40 4.17
N TRP A 437 14.87 15.45 4.09
CA TRP A 437 14.76 16.20 2.82
C TRP A 437 16.12 16.90 2.39
N GLY A 438 16.96 17.29 3.37
CA GLY A 438 18.27 17.86 3.07
C GLY A 438 19.35 16.84 2.72
N HIS B 8 9.08 4.15 20.42
CA HIS B 8 7.90 3.93 19.59
C HIS B 8 6.74 3.18 20.31
N HIS B 9 5.46 3.39 19.86
CA HIS B 9 4.25 2.73 20.41
C HIS B 9 3.96 1.33 19.79
N HIS B 10 4.90 0.86 18.94
CA HIS B 10 5.05 -0.47 18.38
C HIS B 10 5.62 -1.45 19.49
N SER B 11 6.11 -0.90 20.66
CA SER B 11 6.60 -1.67 21.81
C SER B 11 5.51 -1.82 22.95
N SER B 12 4.21 -1.61 22.57
CA SER B 12 3.01 -1.78 23.43
C SER B 12 2.60 -3.29 23.47
N PRO B 13 1.99 -3.82 24.56
CA PRO B 13 1.65 -5.26 24.59
C PRO B 13 0.55 -5.63 23.60
N ARG B 14 0.74 -6.76 22.90
CA ARG B 14 -0.16 -7.24 21.87
C ARG B 14 -0.68 -8.62 22.22
N LEU B 15 -1.83 -8.96 21.68
CA LEU B 15 -2.47 -10.27 21.84
C LEU B 15 -2.15 -11.09 20.59
N PHE B 16 -1.43 -12.19 20.75
CA PHE B 16 -1.11 -13.10 19.65
C PHE B 16 -2.00 -14.32 19.72
N MET B 17 -2.90 -14.49 18.74
CA MET B 17 -3.82 -15.61 18.77
C MET B 17 -3.24 -16.92 18.21
N LEU B 18 -3.62 -17.97 18.87
CA LEU B 18 -3.12 -19.29 18.63
C LEU B 18 -4.28 -20.26 18.70
N SER B 19 -4.39 -21.18 17.72
CA SER B 19 -5.50 -22.14 17.75
C SER B 19 -5.16 -23.46 17.13
N SER B 20 -5.87 -24.50 17.55
CA SER B 20 -5.67 -25.83 17.05
C SER B 20 -6.93 -26.72 17.27
N THR B 21 -6.81 -28.04 17.07
CA THR B 21 -7.90 -28.98 17.19
C THR B 21 -7.97 -29.72 18.55
N SER B 22 -6.90 -29.64 19.34
CA SER B 22 -6.84 -30.23 20.68
C SER B 22 -5.86 -29.43 21.55
N SER B 23 -5.87 -29.67 22.89
CA SER B 23 -4.95 -29.00 23.82
C SER B 23 -3.52 -29.39 23.49
N ASP B 24 -3.27 -30.68 23.15
CA ASP B 24 -1.92 -31.13 22.84
C ASP B 24 -1.44 -30.56 21.52
N ALA B 25 -2.34 -30.53 20.51
CA ALA B 25 -1.97 -29.97 19.22
C ALA B 25 -1.78 -28.43 19.32
N LEU B 26 -2.49 -27.75 20.22
CA LEU B 26 -2.30 -26.32 20.42
C LEU B 26 -0.91 -26.08 21.07
N ARG B 27 -0.45 -26.98 21.94
CA ARG B 27 0.88 -26.88 22.54
C ARG B 27 1.96 -27.12 21.50
N GLN B 28 1.72 -28.05 20.58
CA GLN B 28 2.63 -28.31 19.48
C GLN B 28 2.78 -27.07 18.61
N THR B 29 1.62 -26.40 18.31
CA THR B 29 1.52 -25.16 17.52
C THR B 29 2.32 -24.07 18.19
N ALA B 30 2.17 -23.93 19.51
CA ALA B 30 2.88 -22.94 20.31
C ALA B 30 4.40 -23.14 20.20
N ARG B 31 4.87 -24.41 20.36
CA ARG B 31 6.29 -24.77 20.31
C ARG B 31 6.89 -24.50 18.93
N GLN B 32 6.13 -24.84 17.88
CA GLN B 32 6.52 -24.68 16.48
C GLN B 32 6.64 -23.15 16.20
N LEU B 33 5.68 -22.36 16.69
CA LEU B 33 5.72 -20.93 16.50
C LEU B 33 6.89 -20.31 17.25
N ALA B 34 7.14 -20.70 18.53
CA ALA B 34 8.23 -20.17 19.35
C ALA B 34 9.59 -20.36 18.68
N THR B 35 9.81 -21.54 18.10
CA THR B 35 11.05 -21.86 17.40
C THR B 35 11.22 -20.93 16.19
N TRP B 36 10.11 -20.66 15.45
CA TRP B 36 10.11 -19.78 14.28
C TRP B 36 10.33 -18.31 14.68
N VAL B 37 9.62 -17.83 15.71
CA VAL B 37 9.77 -16.46 16.19
C VAL B 37 11.19 -16.22 16.69
N GLU B 38 11.75 -17.22 17.42
CA GLU B 38 13.12 -17.12 17.91
C GLU B 38 14.12 -17.03 16.77
N GLU B 39 13.90 -17.77 15.68
CA GLU B 39 14.80 -17.75 14.55
C GLU B 39 14.64 -16.49 13.69
N HIS B 40 13.44 -15.90 13.61
CA HIS B 40 13.20 -14.76 12.72
C HIS B 40 12.89 -13.46 13.44
N GLN B 41 13.21 -13.35 14.73
CA GLN B 41 12.83 -12.15 15.50
C GLN B 41 13.43 -10.86 14.99
N ASP B 42 14.60 -10.92 14.39
CA ASP B 42 15.25 -9.74 13.85
C ASP B 42 14.62 -9.25 12.53
N CYS B 43 13.81 -10.11 11.88
CA CYS B 43 13.16 -9.84 10.60
C CYS B 43 11.70 -9.49 10.70
N VAL B 44 11.03 -10.03 11.71
CA VAL B 44 9.60 -9.89 11.85
C VAL B 44 9.22 -8.82 12.85
N ALA B 45 8.27 -7.94 12.46
CA ALA B 45 7.72 -6.91 13.33
C ALA B 45 6.62 -7.58 14.16
N ALA B 46 6.53 -7.25 15.47
CA ALA B 46 5.51 -7.84 16.32
C ALA B 46 4.12 -7.53 15.83
N SER B 47 3.91 -6.34 15.27
CA SER B 47 2.61 -5.94 14.75
C SER B 47 2.18 -6.79 13.57
N ASP B 48 3.12 -7.10 12.67
CA ASP B 48 2.83 -7.92 11.50
C ASP B 48 2.48 -9.35 11.89
N LEU B 49 3.23 -9.93 12.84
CA LEU B 49 2.94 -11.28 13.30
C LEU B 49 1.61 -11.36 14.01
N ALA B 50 1.27 -10.34 14.81
CA ALA B 50 -0.01 -10.34 15.53
C ALA B 50 -1.18 -10.24 14.57
N TYR B 51 -1.02 -9.42 13.52
CA TYR B 51 -1.97 -9.15 12.45
C TYR B 51 -2.20 -10.45 11.69
N THR B 52 -1.11 -11.16 11.32
CA THR B 52 -1.18 -12.40 10.58
C THR B 52 -1.85 -13.51 11.36
N LEU B 53 -1.55 -13.64 12.65
CA LEU B 53 -2.17 -14.65 13.48
C LEU B 53 -3.66 -14.43 13.65
N ALA B 54 -4.12 -13.17 13.69
CA ALA B 54 -5.52 -12.79 13.92
C ALA B 54 -6.38 -12.65 12.66
N ARG B 55 -5.82 -12.03 11.63
CA ARG B 55 -6.54 -11.79 10.40
C ARG B 55 -6.11 -12.67 9.19
N GLY B 56 -4.97 -13.34 9.32
CA GLY B 56 -4.43 -14.20 8.27
C GLY B 56 -4.51 -15.68 8.55
N ARG B 57 -5.22 -16.07 9.63
CA ARG B 57 -5.38 -17.47 9.97
C ARG B 57 -6.83 -17.78 10.19
N ALA B 58 -7.27 -18.97 9.77
CA ALA B 58 -8.64 -19.44 9.99
C ALA B 58 -8.68 -20.02 11.41
N HIS B 59 -9.27 -19.33 12.39
CA HIS B 59 -9.27 -19.79 13.76
C HIS B 59 -9.95 -21.14 13.92
N ARG B 60 -9.18 -22.06 14.48
CA ARG B 60 -9.59 -23.42 14.79
C ARG B 60 -10.38 -23.47 16.14
N PRO B 61 -11.10 -24.58 16.41
CA PRO B 61 -11.93 -24.63 17.62
C PRO B 61 -11.23 -24.47 18.95
N VAL B 62 -10.03 -25.06 19.16
CA VAL B 62 -9.32 -24.93 20.46
C VAL B 62 -8.40 -23.69 20.46
N ARG B 63 -8.79 -22.59 21.13
CA ARG B 63 -8.03 -21.34 21.05
C ARG B 63 -7.38 -20.88 22.34
N THR B 64 -6.36 -20.04 22.20
CA THR B 64 -5.66 -19.30 23.26
C THR B 64 -5.02 -18.04 22.63
N ALA B 65 -4.45 -17.17 23.45
CA ALA B 65 -3.79 -15.94 23.01
C ALA B 65 -2.71 -15.66 24.02
N VAL B 66 -1.53 -15.24 23.57
CA VAL B 66 -0.41 -14.93 24.44
C VAL B 66 -0.20 -13.41 24.38
N VAL B 67 -0.08 -12.77 25.54
CA VAL B 67 0.17 -11.32 25.56
C VAL B 67 1.69 -11.08 25.61
N ALA B 68 2.21 -10.13 24.78
CA ALA B 68 3.63 -9.83 24.80
C ALA B 68 3.88 -8.47 24.14
N ALA B 69 4.86 -7.72 24.64
CA ALA B 69 5.28 -6.42 24.10
C ALA B 69 6.43 -6.55 23.10
N ASN B 70 7.16 -7.68 23.13
CA ASN B 70 8.24 -7.94 22.22
C ASN B 70 8.30 -9.42 21.84
N LEU B 71 8.97 -9.74 20.72
CA LEU B 71 9.10 -11.12 20.25
C LEU B 71 9.80 -12.06 21.27
N PRO B 72 10.90 -11.66 21.97
CA PRO B 72 11.45 -12.58 23.01
C PRO B 72 10.45 -12.84 24.16
N GLU B 73 9.59 -11.87 24.45
CA GLU B 73 8.56 -12.04 25.46
C GLU B 73 7.51 -13.04 24.98
N LEU B 74 7.20 -13.03 23.68
CA LEU B 74 6.26 -13.95 23.08
C LEU B 74 6.86 -15.36 23.05
N VAL B 75 8.18 -15.51 22.78
CA VAL B 75 8.78 -16.83 22.80
C VAL B 75 8.70 -17.46 24.21
N GLU B 76 8.74 -16.61 25.26
CA GLU B 76 8.62 -17.10 26.64
C GLU B 76 7.19 -17.58 26.87
N GLY B 77 6.22 -16.76 26.49
CA GLY B 77 4.82 -17.07 26.66
C GLY B 77 4.40 -18.30 25.87
N LEU B 78 4.92 -18.44 24.65
CA LEU B 78 4.58 -19.56 23.77
C LEU B 78 5.15 -20.84 24.33
N ARG B 79 6.43 -20.80 24.78
CA ARG B 79 7.10 -21.94 25.40
C ARG B 79 6.46 -22.33 26.72
N GLU B 80 5.92 -21.37 27.46
CA GLU B 80 5.21 -21.60 28.69
C GLU B 80 3.94 -22.39 28.39
N VAL B 81 3.21 -22.03 27.33
CA VAL B 81 1.99 -22.72 26.90
C VAL B 81 2.35 -24.15 26.50
N ALA B 82 3.39 -24.29 25.63
CA ALA B 82 3.86 -25.54 25.07
C ALA B 82 4.36 -26.52 26.10
N ASP B 83 4.91 -26.02 27.22
CA ASP B 83 5.45 -26.90 28.25
C ASP B 83 4.37 -27.31 29.26
N GLY B 84 3.40 -26.42 29.51
CA GLY B 84 2.29 -26.60 30.43
C GLY B 84 1.38 -27.80 30.22
N ASP B 85 0.32 -27.85 31.05
CA ASP B 85 -0.70 -28.89 30.98
C ASP B 85 -2.07 -28.29 31.30
N ALA B 86 -2.39 -27.20 30.60
CA ALA B 86 -3.69 -26.59 30.73
C ALA B 86 -4.66 -27.28 29.78
N LEU B 87 -5.94 -27.23 30.13
CA LEU B 87 -6.98 -27.81 29.30
C LEU B 87 -7.71 -26.65 28.62
N TYR B 88 -7.59 -26.60 27.30
CA TYR B 88 -8.20 -25.52 26.54
C TYR B 88 -9.57 -25.92 26.02
N ASP B 89 -10.62 -25.29 26.54
CA ASP B 89 -11.98 -25.56 26.10
C ASP B 89 -12.18 -25.16 24.60
N ALA B 90 -13.02 -25.89 23.82
CA ALA B 90 -13.26 -25.51 22.43
C ALA B 90 -14.30 -24.39 22.32
N ALA B 91 -14.23 -23.62 21.22
CA ALA B 91 -15.18 -22.54 20.96
C ALA B 91 -16.56 -23.08 20.70
N VAL B 92 -17.61 -22.41 21.18
CA VAL B 92 -19.00 -22.82 20.93
C VAL B 92 -19.61 -22.08 19.74
N GLY B 93 -19.06 -20.91 19.42
CA GLY B 93 -19.53 -20.14 18.28
C GLY B 93 -18.65 -20.36 17.08
N HIS B 94 -19.20 -20.07 15.88
CA HIS B 94 -18.47 -20.27 14.64
C HIS B 94 -17.95 -18.98 14.00
N GLY B 95 -17.82 -17.90 14.79
CA GLY B 95 -17.34 -16.61 14.32
C GLY B 95 -18.26 -15.90 13.35
N ASP B 96 -19.51 -16.37 13.24
CA ASP B 96 -20.51 -15.79 12.34
C ASP B 96 -21.39 -14.77 13.04
N ARG B 97 -21.64 -14.93 14.35
CA ARG B 97 -22.46 -14.01 15.11
C ARG B 97 -21.71 -13.35 16.22
N GLY B 98 -22.04 -12.08 16.50
CA GLY B 98 -21.43 -11.37 17.62
C GLY B 98 -21.92 -11.90 18.95
N PRO B 99 -21.32 -11.44 20.07
CA PRO B 99 -21.80 -11.92 21.37
C PRO B 99 -23.16 -11.34 21.72
N VAL B 100 -23.90 -12.02 22.61
CA VAL B 100 -25.17 -11.50 23.09
C VAL B 100 -24.86 -10.87 24.40
N TRP B 101 -25.02 -9.54 24.54
CA TRP B 101 -24.75 -8.91 25.83
C TRP B 101 -25.95 -9.16 26.72
N VAL B 102 -25.71 -9.63 27.95
CA VAL B 102 -26.75 -9.89 28.94
C VAL B 102 -26.64 -8.82 30.00
N PHE B 103 -27.72 -8.10 30.24
CA PHE B 103 -27.78 -7.02 31.24
C PHE B 103 -28.72 -7.49 32.35
N SER B 104 -28.15 -7.91 33.47
CA SER B 104 -28.93 -8.42 34.59
C SER B 104 -29.61 -7.30 35.43
N GLY B 105 -30.38 -7.66 36.47
CA GLY B 105 -31.05 -6.69 37.32
C GLY B 105 -30.19 -6.23 38.48
N GLN B 106 -30.86 -5.92 39.57
CA GLN B 106 -30.28 -5.50 40.84
C GLN B 106 -29.58 -6.67 41.51
N GLY B 107 -28.67 -6.38 42.42
CA GLY B 107 -28.01 -7.41 43.21
C GLY B 107 -26.57 -7.71 42.85
N SER B 108 -26.11 -7.14 41.73
CA SER B 108 -24.75 -7.34 41.25
C SER B 108 -23.74 -6.39 41.94
N GLN B 109 -24.24 -5.27 42.49
CA GLN B 109 -23.47 -4.22 43.15
C GLN B 109 -22.60 -4.70 44.28
N TRP B 110 -21.38 -4.12 44.31
CA TRP B 110 -20.35 -4.33 45.31
C TRP B 110 -19.54 -3.06 45.54
N ALA B 111 -18.92 -2.95 46.74
CA ALA B 111 -18.15 -1.79 47.16
C ALA B 111 -16.98 -1.48 46.25
N ALA B 112 -16.92 -0.23 45.72
CA ALA B 112 -15.86 0.30 44.84
C ALA B 112 -15.73 -0.49 43.54
N MET B 113 -16.90 -0.96 43.02
CA MET B 113 -16.99 -1.75 41.82
C MET B 113 -16.46 -1.04 40.54
N GLY B 114 -16.54 0.28 40.51
CA GLY B 114 -16.08 1.05 39.35
C GLY B 114 -14.70 1.64 39.43
N THR B 115 -14.03 1.54 40.60
CA THR B 115 -12.69 2.11 40.78
C THR B 115 -11.62 1.67 39.75
N GLN B 116 -11.38 0.34 39.57
CA GLN B 116 -10.34 -0.12 38.64
C GLN B 116 -10.62 0.21 37.21
N LEU B 117 -11.89 0.14 36.79
CA LEU B 117 -12.24 0.44 35.42
C LEU B 117 -12.18 1.92 35.10
N LEU B 118 -12.46 2.79 36.10
CA LEU B 118 -12.32 4.24 35.89
C LEU B 118 -10.84 4.55 35.63
N ALA B 119 -9.91 3.85 36.29
CA ALA B 119 -8.48 4.08 36.07
C ALA B 119 -7.93 3.39 34.80
N SER B 120 -8.34 2.12 34.52
CA SER B 120 -7.78 1.35 33.42
C SER B 120 -8.43 1.50 32.05
N GLU B 121 -9.70 1.90 32.02
CA GLU B 121 -10.46 2.04 30.78
C GLU B 121 -11.02 3.44 30.58
N PRO B 122 -10.36 4.23 29.69
CA PRO B 122 -10.78 5.62 29.52
C PRO B 122 -12.19 5.79 28.97
N VAL B 123 -12.66 4.84 28.16
CA VAL B 123 -14.02 4.92 27.64
C VAL B 123 -15.05 4.63 28.77
N PHE B 124 -14.65 3.86 29.81
CA PHE B 124 -15.50 3.62 30.96
C PHE B 124 -15.63 4.94 31.72
N ALA B 125 -14.52 5.62 31.92
CA ALA B 125 -14.49 6.92 32.60
C ALA B 125 -15.26 8.02 31.85
N ALA B 126 -15.18 8.02 30.50
CA ALA B 126 -15.91 8.97 29.66
C ALA B 126 -17.43 8.72 29.78
N THR B 127 -17.82 7.46 29.78
CA THR B 127 -19.24 7.10 29.89
C THR B 127 -19.80 7.45 31.26
N ILE B 128 -19.00 7.25 32.32
CA ILE B 128 -19.45 7.61 33.66
C ILE B 128 -19.56 9.12 33.80
N ALA B 129 -18.70 9.87 33.09
CA ALA B 129 -18.71 11.33 33.09
C ALA B 129 -19.98 11.86 32.41
N LYS B 130 -20.43 11.20 31.32
CA LYS B 130 -21.66 11.59 30.64
C LYS B 130 -22.85 11.44 31.57
N LEU B 131 -22.89 10.32 32.29
CA LEU B 131 -23.99 9.99 33.18
C LEU B 131 -24.00 10.79 34.45
N GLU B 132 -22.83 11.20 34.94
CA GLU B 132 -22.73 11.92 36.20
C GLU B 132 -23.72 13.08 36.38
N PRO B 133 -23.79 14.07 35.46
CA PRO B 133 -24.71 15.19 35.67
C PRO B 133 -26.17 14.83 35.51
N VAL B 134 -26.47 13.79 34.68
CA VAL B 134 -27.83 13.31 34.45
C VAL B 134 -28.34 12.65 35.74
N ILE B 135 -27.56 11.69 36.31
CA ILE B 135 -27.94 11.02 37.55
C ILE B 135 -28.00 11.99 38.71
N ALA B 136 -27.12 13.00 38.71
CA ALA B 136 -27.12 14.01 39.76
C ALA B 136 -28.40 14.81 39.70
N ALA B 137 -28.81 15.26 38.50
CA ALA B 137 -30.05 16.05 38.32
C ALA B 137 -31.32 15.22 38.61
N GLU B 138 -31.34 13.98 38.11
CA GLU B 138 -32.46 13.08 38.25
C GLU B 138 -32.62 12.44 39.62
N SER B 139 -31.54 11.89 40.20
CA SER B 139 -31.62 11.16 41.45
C SER B 139 -31.01 11.83 42.66
N GLY B 140 -30.34 12.96 42.47
CA GLY B 140 -29.75 13.72 43.57
C GLY B 140 -28.54 13.12 44.26
N PHE B 141 -27.67 12.44 43.50
CA PHE B 141 -26.46 11.86 44.09
C PHE B 141 -25.38 11.70 43.03
N SER B 142 -24.13 11.57 43.47
CA SER B 142 -23.03 11.36 42.56
C SER B 142 -22.86 9.88 42.27
N VAL B 143 -23.03 9.45 41.01
CA VAL B 143 -22.83 8.06 40.65
C VAL B 143 -21.32 7.68 40.76
N THR B 144 -20.40 8.63 40.52
CA THR B 144 -18.97 8.37 40.65
C THR B 144 -18.62 8.09 42.10
N GLU B 145 -19.18 8.87 43.04
CA GLU B 145 -18.97 8.64 44.48
C GLU B 145 -19.53 7.27 44.85
N ALA B 146 -20.74 6.94 44.37
CA ALA B 146 -21.41 5.69 44.67
C ALA B 146 -20.63 4.44 44.26
N ILE B 147 -20.09 4.42 43.00
CA ILE B 147 -19.35 3.26 42.47
C ILE B 147 -17.88 3.21 42.89
N THR B 148 -17.40 4.20 43.68
CA THR B 148 -16.02 4.19 44.16
C THR B 148 -15.91 4.22 45.68
N ALA B 149 -17.06 4.36 46.40
CA ALA B 149 -17.14 4.40 47.86
C ALA B 149 -16.69 3.11 48.49
N GLN B 150 -16.17 3.16 49.72
CA GLN B 150 -15.71 1.97 50.46
C GLN B 150 -16.86 1.06 50.93
N GLN B 151 -18.12 1.56 50.88
CA GLN B 151 -19.35 0.84 51.21
C GLN B 151 -20.16 0.64 49.92
N THR B 152 -20.79 -0.55 49.77
CA THR B 152 -21.64 -0.90 48.63
C THR B 152 -22.86 0.04 48.55
N VAL B 153 -23.26 0.44 47.33
CA VAL B 153 -24.43 1.31 47.13
C VAL B 153 -25.71 0.63 47.64
N THR B 154 -26.50 1.35 48.44
CA THR B 154 -27.76 0.81 48.98
C THR B 154 -28.95 1.78 48.67
N GLY B 155 -30.20 1.27 48.70
CA GLY B 155 -31.40 2.05 48.43
C GLY B 155 -31.76 1.95 46.96
N ILE B 156 -32.99 1.51 46.62
CA ILE B 156 -33.37 1.24 45.22
C ILE B 156 -33.09 2.40 44.28
N ASP B 157 -33.28 3.63 44.75
CA ASP B 157 -33.06 4.88 44.03
C ASP B 157 -31.58 5.16 43.71
N LYS B 158 -30.63 4.50 44.41
CA LYS B 158 -29.19 4.64 44.22
C LYS B 158 -28.65 3.40 43.52
N VAL B 159 -29.08 2.22 43.93
CA VAL B 159 -28.65 0.95 43.35
C VAL B 159 -28.90 0.89 41.85
N GLN B 160 -30.16 1.11 41.39
CA GLN B 160 -30.50 1.00 39.97
C GLN B 160 -29.70 1.96 39.06
N PRO B 161 -29.62 3.28 39.32
CA PRO B 161 -28.76 4.13 38.48
C PRO B 161 -27.28 3.72 38.52
N ALA B 162 -26.74 3.28 39.69
CA ALA B 162 -25.34 2.87 39.81
C ALA B 162 -25.01 1.61 38.99
N VAL B 163 -25.88 0.56 39.07
CA VAL B 163 -25.67 -0.67 38.35
C VAL B 163 -25.82 -0.43 36.84
N PHE B 164 -26.84 0.39 36.43
CA PHE B 164 -27.09 0.77 35.03
C PHE B 164 -25.86 1.49 34.51
N ALA B 165 -25.27 2.40 35.29
CA ALA B 165 -24.08 3.16 34.88
C ALA B 165 -22.89 2.26 34.57
N VAL B 166 -22.64 1.24 35.43
CA VAL B 166 -21.57 0.25 35.19
C VAL B 166 -21.86 -0.55 33.93
N GLN B 167 -23.12 -1.02 33.76
CA GLN B 167 -23.54 -1.79 32.59
C GLN B 167 -23.28 -1.09 31.28
N VAL B 168 -23.67 0.17 31.18
CA VAL B 168 -23.53 0.92 29.95
C VAL B 168 -22.07 1.34 29.68
N ALA B 169 -21.27 1.57 30.75
CA ALA B 169 -19.87 1.93 30.59
C ALA B 169 -19.07 0.70 30.13
N LEU B 170 -19.44 -0.49 30.57
CA LEU B 170 -18.85 -1.75 30.15
C LEU B 170 -19.08 -1.93 28.63
N ALA B 171 -20.35 -1.80 28.18
CA ALA B 171 -20.70 -1.93 26.76
C ALA B 171 -19.99 -0.92 25.83
N ALA B 172 -19.93 0.38 26.25
CA ALA B 172 -19.28 1.45 25.54
C ALA B 172 -17.80 1.12 25.38
N THR B 173 -17.10 0.64 26.47
CA THR B 173 -15.69 0.24 26.44
C THR B 173 -15.46 -0.89 25.44
N MET B 174 -16.31 -1.92 25.46
CA MET B 174 -16.17 -3.07 24.59
C MET B 174 -16.26 -2.70 23.15
N GLU B 175 -17.18 -1.78 22.82
CA GLU B 175 -17.36 -1.38 21.45
C GLU B 175 -16.31 -0.33 20.96
N GLN B 176 -16.15 0.75 21.71
CA GLN B 176 -15.19 1.81 21.34
C GLN B 176 -13.73 1.40 21.45
N THR B 177 -13.32 0.76 22.56
CA THR B 177 -11.94 0.33 22.74
C THR B 177 -11.64 -1.01 22.06
N TYR B 178 -12.43 -2.06 22.26
CA TYR B 178 -12.11 -3.39 21.74
C TYR B 178 -12.81 -3.75 20.41
N GLY B 179 -13.61 -2.82 19.87
CA GLY B 179 -14.29 -3.00 18.61
C GLY B 179 -15.40 -4.04 18.59
N VAL B 180 -15.77 -4.59 19.78
CA VAL B 180 -16.81 -5.61 19.91
C VAL B 180 -18.22 -5.03 19.81
N ARG B 181 -18.83 -5.25 18.67
CA ARG B 181 -20.20 -4.89 18.44
C ARG B 181 -21.05 -6.18 18.73
N PRO B 182 -22.11 -5.98 19.54
CA PRO B 182 -22.96 -7.12 19.94
C PRO B 182 -23.77 -7.70 18.82
N GLY B 183 -23.97 -8.99 18.84
CA GLY B 183 -24.85 -9.68 17.91
C GLY B 183 -26.30 -9.44 18.28
N ALA B 184 -26.60 -9.40 19.56
CA ALA B 184 -27.93 -9.15 20.12
C ALA B 184 -27.75 -8.65 21.57
N VAL B 185 -28.84 -8.13 22.18
CA VAL B 185 -28.88 -7.71 23.60
C VAL B 185 -30.05 -8.38 24.28
N VAL B 186 -29.92 -8.73 25.55
CA VAL B 186 -30.99 -9.32 26.38
C VAL B 186 -30.89 -8.66 27.72
N GLY B 187 -31.99 -8.07 28.19
CA GLY B 187 -32.04 -7.46 29.51
C GLY B 187 -33.01 -8.19 30.42
N HIS B 188 -32.78 -8.09 31.72
CA HIS B 188 -33.60 -8.67 32.77
C HIS B 188 -33.97 -7.53 33.71
N SER B 189 -35.28 -7.19 33.89
CA SER B 189 -35.69 -6.19 34.86
C SER B 189 -35.09 -4.81 34.43
N MET B 190 -34.39 -4.12 35.34
CA MET B 190 -33.72 -2.85 35.09
C MET B 190 -32.61 -2.98 34.03
N GLY B 191 -32.14 -4.20 33.78
CA GLY B 191 -31.14 -4.47 32.77
C GLY B 191 -31.60 -4.05 31.39
N GLU B 192 -32.90 -3.99 31.18
CA GLU B 192 -33.48 -3.56 29.92
C GLU B 192 -33.22 -2.09 29.57
N SER B 193 -32.94 -1.21 30.56
CA SER B 193 -32.58 0.17 30.22
C SER B 193 -31.20 0.15 29.53
N ALA B 194 -30.21 -0.61 30.06
CA ALA B 194 -28.90 -0.68 29.41
C ALA B 194 -29.03 -1.38 28.06
N ALA B 195 -29.87 -2.42 27.97
CA ALA B 195 -30.15 -3.15 26.73
C ALA B 195 -30.69 -2.19 25.68
N ALA B 196 -31.62 -1.29 26.05
CA ALA B 196 -32.16 -0.28 25.13
C ALA B 196 -31.10 0.72 24.62
N VAL B 197 -30.16 1.18 25.49
CA VAL B 197 -29.11 2.12 25.06
C VAL B 197 -28.20 1.39 24.03
N VAL B 198 -27.75 0.18 24.39
CA VAL B 198 -26.83 -0.61 23.59
C VAL B 198 -27.48 -1.01 22.28
N ALA B 199 -28.81 -1.27 22.26
CA ALA B 199 -29.49 -1.61 21.01
C ALA B 199 -29.91 -0.41 20.19
N GLY B 200 -29.69 0.81 20.67
CA GLY B 200 -30.06 2.01 19.94
C GLY B 200 -31.51 2.40 20.01
N ALA B 201 -32.28 1.76 20.93
CA ALA B 201 -33.72 2.04 21.15
C ALA B 201 -33.93 3.34 21.94
N LEU B 202 -33.01 3.68 22.83
CA LEU B 202 -33.06 4.91 23.61
C LEU B 202 -31.66 5.56 23.59
N SER B 203 -31.63 6.89 23.80
CA SER B 203 -30.35 7.59 23.96
C SER B 203 -29.86 7.27 25.38
N LEU B 204 -28.54 7.42 25.63
CA LEU B 204 -27.93 7.16 26.95
C LEU B 204 -28.66 7.90 28.05
N GLU B 205 -29.00 9.18 27.77
CA GLU B 205 -29.68 10.11 28.66
C GLU B 205 -31.12 9.71 28.93
N ASP B 206 -31.88 9.32 27.88
CA ASP B 206 -33.26 8.93 28.08
C ASP B 206 -33.33 7.66 28.88
N ALA B 207 -32.41 6.68 28.64
CA ALA B 207 -32.36 5.44 29.41
C ALA B 207 -31.95 5.70 30.87
N ALA B 208 -31.12 6.69 31.11
CA ALA B 208 -30.74 7.09 32.46
C ALA B 208 -31.95 7.74 33.14
N ARG B 209 -32.74 8.56 32.42
CA ARG B 209 -33.94 9.16 32.97
C ARG B 209 -34.96 8.08 33.34
N VAL B 210 -35.08 7.00 32.51
CA VAL B 210 -35.98 5.86 32.75
C VAL B 210 -35.59 5.16 34.05
N ILE B 211 -34.28 4.87 34.22
CA ILE B 211 -33.83 4.14 35.40
C ILE B 211 -33.90 4.98 36.68
N CYS B 212 -33.68 6.29 36.54
CA CYS B 212 -33.67 7.23 37.66
C CYS B 212 -35.04 7.49 38.18
N ARG B 213 -35.96 7.80 37.27
CA ARG B 213 -37.34 8.08 37.58
C ARG B 213 -38.08 6.84 38.10
N ARG B 214 -37.89 5.66 37.50
CA ARG B 214 -38.55 4.42 37.94
C ARG B 214 -38.13 4.02 39.38
N SER B 215 -36.81 4.10 39.69
CA SER B 215 -36.30 3.76 41.03
C SER B 215 -36.73 4.73 42.10
N LYS B 216 -36.92 6.01 41.74
CA LYS B 216 -37.36 7.03 42.67
C LYS B 216 -38.82 6.79 43.03
N LEU B 217 -39.66 6.45 42.04
CA LEU B 217 -41.07 6.15 42.28
C LEU B 217 -41.24 4.92 43.14
N MET B 218 -40.38 3.91 42.96
CA MET B 218 -40.45 2.69 43.75
C MET B 218 -40.16 2.89 45.22
N THR B 219 -39.43 3.97 45.59
CA THR B 219 -39.17 4.22 47.01
C THR B 219 -40.46 4.50 47.79
N ARG B 220 -41.49 5.04 47.11
CA ARG B 220 -42.79 5.33 47.72
C ARG B 220 -43.49 4.05 48.20
N ILE B 221 -43.30 2.93 47.48
CA ILE B 221 -43.93 1.66 47.81
C ILE B 221 -42.96 0.67 48.48
N ALA B 222 -41.86 1.15 49.08
CA ALA B 222 -40.90 0.27 49.74
C ALA B 222 -41.54 -0.33 50.99
N GLY B 223 -41.41 -1.64 51.13
CA GLY B 223 -41.98 -2.44 52.21
C GLY B 223 -43.27 -3.17 51.87
N ALA B 224 -43.97 -2.70 50.83
CA ALA B 224 -45.25 -3.28 50.44
C ALA B 224 -45.14 -4.50 49.54
N GLY B 225 -45.50 -5.66 50.07
CA GLY B 225 -45.48 -6.90 49.29
C GLY B 225 -44.26 -7.75 49.58
N ALA B 226 -44.30 -8.98 49.08
CA ALA B 226 -43.23 -9.93 49.29
C ALA B 226 -42.98 -10.78 48.04
N MET B 227 -41.80 -11.42 47.97
CA MET B 227 -41.45 -12.31 46.87
C MET B 227 -40.95 -13.66 47.41
N GLY B 228 -41.09 -14.70 46.61
CA GLY B 228 -40.65 -16.03 46.96
C GLY B 228 -40.11 -16.80 45.77
N SER B 229 -39.08 -17.59 45.99
CA SER B 229 -38.50 -18.43 44.95
C SER B 229 -39.00 -19.86 45.19
N VAL B 230 -39.46 -20.53 44.13
CA VAL B 230 -39.93 -21.91 44.28
C VAL B 230 -39.27 -22.75 43.18
N GLU B 231 -38.84 -23.97 43.53
CA GLU B 231 -38.19 -24.85 42.58
C GLU B 231 -39.20 -25.65 41.78
N LEU B 232 -40.07 -24.90 41.04
CA LEU B 232 -41.14 -25.38 40.15
C LEU B 232 -41.14 -24.52 38.88
N PRO B 233 -41.40 -25.09 37.70
CA PRO B 233 -41.47 -24.26 36.48
C PRO B 233 -42.68 -23.33 36.53
N ALA B 234 -42.60 -22.20 35.84
CA ALA B 234 -43.63 -21.16 35.85
C ALA B 234 -45.00 -21.61 35.36
N LYS B 235 -45.06 -22.49 34.34
CA LYS B 235 -46.36 -23.01 33.89
C LYS B 235 -47.07 -23.74 34.98
N GLN B 236 -46.30 -24.46 35.82
CA GLN B 236 -46.83 -25.22 36.94
C GLN B 236 -47.30 -24.29 38.06
N VAL B 237 -46.49 -23.25 38.34
CA VAL B 237 -46.80 -22.28 39.38
C VAL B 237 -48.10 -21.53 39.03
N ASN B 238 -48.23 -21.11 37.77
CA ASN B 238 -49.43 -20.41 37.32
C ASN B 238 -50.65 -21.27 37.42
N SER B 239 -50.52 -22.58 37.09
CA SER B 239 -51.62 -23.54 37.16
C SER B 239 -52.14 -23.62 38.57
N GLU B 240 -51.25 -23.67 39.55
CA GLU B 240 -51.58 -23.76 40.97
C GLU B 240 -52.30 -22.49 41.48
N LEU B 241 -51.80 -21.31 41.05
CA LEU B 241 -52.39 -20.05 41.46
C LEU B 241 -53.79 -19.92 40.91
N MET B 242 -53.97 -20.29 39.63
CA MET B 242 -55.28 -20.22 38.99
C MET B 242 -56.22 -21.20 39.62
N ALA B 243 -55.75 -22.43 39.86
CA ALA B 243 -56.55 -23.47 40.47
C ALA B 243 -57.01 -23.07 41.87
N ARG B 244 -56.19 -22.38 42.65
CA ARG B 244 -56.58 -21.96 44.01
C ARG B 244 -57.35 -20.62 44.07
N GLY B 245 -57.54 -19.98 42.91
CA GLY B 245 -58.25 -18.72 42.77
C GLY B 245 -57.49 -17.54 43.32
N ILE B 246 -56.15 -17.59 43.25
CA ILE B 246 -55.29 -16.56 43.79
C ILE B 246 -55.03 -15.50 42.74
N ASP B 247 -55.40 -14.25 43.00
CA ASP B 247 -55.12 -13.15 42.06
C ASP B 247 -54.19 -12.07 42.63
N ASP B 248 -53.86 -12.14 43.93
CA ASP B 248 -53.02 -11.18 44.62
C ASP B 248 -51.52 -11.54 44.61
N VAL B 249 -51.17 -12.73 44.09
CA VAL B 249 -49.79 -13.22 43.93
C VAL B 249 -49.68 -13.75 42.49
N VAL B 250 -48.66 -13.33 41.73
CA VAL B 250 -48.47 -13.76 40.35
C VAL B 250 -47.02 -14.21 40.11
N VAL B 251 -46.73 -14.87 38.97
CA VAL B 251 -45.37 -15.22 38.60
C VAL B 251 -44.69 -13.93 38.19
N SER B 252 -43.64 -13.54 38.93
CA SER B 252 -42.93 -12.28 38.74
C SER B 252 -41.70 -12.41 37.85
N VAL B 253 -40.97 -13.52 38.00
CA VAL B 253 -39.76 -13.76 37.23
C VAL B 253 -39.69 -15.20 36.77
N VAL B 254 -39.28 -15.38 35.50
CA VAL B 254 -39.02 -16.69 34.92
C VAL B 254 -37.59 -16.56 34.28
N ALA B 255 -36.49 -16.72 35.05
CA ALA B 255 -35.14 -16.64 34.46
C ALA B 255 -34.56 -18.00 34.03
N SER B 256 -35.01 -19.06 34.65
CA SER B 256 -34.55 -20.40 34.39
C SER B 256 -35.74 -21.38 34.29
N PRO B 257 -35.58 -22.50 33.57
CA PRO B 257 -36.71 -23.42 33.37
C PRO B 257 -37.28 -24.15 34.58
N GLN B 258 -36.51 -24.23 35.65
CA GLN B 258 -36.89 -25.03 36.80
C GLN B 258 -37.24 -24.23 38.07
N SER B 259 -36.92 -22.95 38.11
CA SER B 259 -37.20 -22.07 39.22
C SER B 259 -38.06 -20.91 38.78
N THR B 260 -38.90 -20.47 39.67
CA THR B 260 -39.80 -19.37 39.43
C THR B 260 -39.86 -18.46 40.64
N VAL B 261 -39.97 -17.12 40.40
CA VAL B 261 -40.11 -16.17 41.49
C VAL B 261 -41.51 -15.60 41.45
N ILE B 262 -42.30 -15.79 42.53
CA ILE B 262 -43.65 -15.24 42.69
C ILE B 262 -43.58 -13.93 43.47
N GLY B 263 -44.58 -13.09 43.29
CA GLY B 263 -44.64 -11.81 43.99
C GLY B 263 -46.05 -11.35 44.18
N GLY B 264 -46.28 -10.64 45.27
CA GLY B 264 -47.60 -10.13 45.57
C GLY B 264 -47.75 -9.76 47.03
N THR B 265 -48.95 -9.93 47.58
CA THR B 265 -49.20 -9.58 48.97
C THR B 265 -48.36 -10.45 49.93
N SER B 266 -47.83 -9.84 51.00
CA SER B 266 -46.95 -10.52 51.96
C SER B 266 -47.52 -11.83 52.56
N ASP B 267 -48.77 -11.83 53.00
CA ASP B 267 -49.37 -13.02 53.62
C ASP B 267 -49.53 -14.21 52.68
N THR B 268 -50.08 -13.98 51.47
CA THR B 268 -50.31 -15.05 50.51
C THR B 268 -49.00 -15.64 49.99
N VAL B 269 -47.96 -14.81 49.85
CA VAL B 269 -46.65 -15.31 49.40
C VAL B 269 -46.09 -16.25 50.48
N ARG B 270 -46.14 -15.82 51.75
CA ARG B 270 -45.62 -16.63 52.83
C ARG B 270 -46.45 -17.91 53.05
N ASP B 271 -47.77 -17.84 52.80
CA ASP B 271 -48.65 -19.00 52.89
C ASP B 271 -48.32 -20.00 51.80
N LEU B 272 -48.05 -19.53 50.57
CA LEU B 272 -47.70 -20.39 49.43
C LEU B 272 -46.37 -21.07 49.65
N ILE B 273 -45.39 -20.38 50.28
CA ILE B 273 -44.08 -20.96 50.56
C ILE B 273 -44.20 -22.07 51.59
N ALA B 274 -45.00 -21.85 52.65
CA ALA B 274 -45.22 -22.81 53.72
C ALA B 274 -45.88 -24.10 53.19
N ARG B 275 -46.88 -23.95 52.30
CA ARG B 275 -47.64 -25.00 51.60
C ARG B 275 -46.73 -25.79 50.64
N TRP B 276 -45.81 -25.12 49.91
CA TRP B 276 -44.89 -25.82 49.00
C TRP B 276 -43.90 -26.66 49.79
N GLU B 277 -43.42 -26.15 50.91
CA GLU B 277 -42.50 -26.86 51.77
C GLU B 277 -43.17 -28.10 52.42
N GLN B 278 -44.46 -28.03 52.73
CA GLN B 278 -45.20 -29.19 53.25
C GLN B 278 -45.45 -30.30 52.19
N ARG B 279 -45.28 -29.96 50.91
CA ARG B 279 -45.36 -30.94 49.82
C ARG B 279 -43.94 -31.37 49.37
N ASP B 280 -42.90 -31.07 50.20
CA ASP B 280 -41.50 -31.37 49.97
C ASP B 280 -40.97 -30.69 48.70
N VAL B 281 -41.47 -29.47 48.43
CA VAL B 281 -41.04 -28.63 47.29
C VAL B 281 -40.19 -27.51 47.87
N MET B 282 -38.98 -27.34 47.36
CA MET B 282 -38.10 -26.33 47.89
C MET B 282 -38.64 -24.95 47.59
N ALA B 283 -38.98 -24.19 48.62
CA ALA B 283 -39.47 -22.83 48.47
C ALA B 283 -38.86 -21.92 49.55
N ARG B 284 -38.65 -20.64 49.24
CA ARG B 284 -38.08 -19.72 50.21
C ARG B 284 -38.45 -18.28 49.93
N GLU B 285 -38.56 -17.45 50.96
CA GLU B 285 -38.88 -16.04 50.78
C GLU B 285 -37.64 -15.25 50.34
N VAL B 286 -37.81 -14.37 49.36
CA VAL B 286 -36.73 -13.54 48.84
C VAL B 286 -36.77 -12.18 49.48
N ALA B 287 -35.61 -11.71 49.92
CA ALA B 287 -35.44 -10.41 50.54
C ALA B 287 -35.60 -9.25 49.53
N VAL B 288 -36.72 -8.55 49.59
CA VAL B 288 -36.98 -7.44 48.70
C VAL B 288 -37.76 -6.36 49.43
N ASP B 289 -37.61 -5.12 48.98
CA ASP B 289 -38.35 -4.00 49.59
C ASP B 289 -39.79 -3.98 48.99
N VAL B 290 -39.85 -4.11 47.65
CA VAL B 290 -41.08 -4.07 46.86
C VAL B 290 -41.30 -5.40 46.15
N ALA B 291 -42.54 -5.86 46.00
CA ALA B 291 -42.81 -7.05 45.20
C ALA B 291 -43.02 -6.54 43.77
N PHE B 292 -41.95 -6.46 42.95
CA PHE B 292 -42.08 -5.99 41.57
C PHE B 292 -42.68 -7.05 40.68
N HIS B 293 -43.14 -6.65 39.49
CA HIS B 293 -43.74 -7.56 38.51
C HIS B 293 -44.96 -8.31 39.10
N SER B 294 -45.69 -7.59 39.98
CA SER B 294 -46.87 -8.02 40.72
C SER B 294 -47.83 -6.84 40.87
N PRO B 295 -49.10 -7.06 41.27
CA PRO B 295 -50.01 -5.92 41.48
C PRO B 295 -49.51 -4.92 42.52
N GLN B 296 -48.47 -5.25 43.31
CA GLN B 296 -47.96 -4.31 44.31
C GLN B 296 -47.38 -3.03 43.68
N VAL B 297 -46.96 -3.08 42.42
CA VAL B 297 -46.45 -1.88 41.74
C VAL B 297 -47.55 -1.06 41.07
N ASP B 298 -48.82 -1.51 41.08
CA ASP B 298 -49.95 -0.83 40.45
C ASP B 298 -50.10 0.66 40.88
N PRO B 299 -50.00 1.04 42.18
CA PRO B 299 -50.18 2.46 42.54
C PRO B 299 -49.24 3.47 41.86
N ILE B 300 -47.99 3.09 41.56
CA ILE B 300 -47.04 4.00 40.95
C ILE B 300 -47.02 4.00 39.40
N LEU B 301 -47.81 3.14 38.75
CA LEU B 301 -47.78 3.03 37.29
C LEU B 301 -48.30 4.26 36.52
N ASP B 302 -49.29 4.98 37.08
CA ASP B 302 -49.78 6.18 36.40
C ASP B 302 -48.73 7.27 36.45
N ASP B 303 -48.08 7.44 37.62
CA ASP B 303 -47.02 8.42 37.82
C ASP B 303 -45.82 8.11 36.94
N LEU B 304 -45.51 6.83 36.72
CA LEU B 304 -44.39 6.43 35.88
C LEU B 304 -44.65 6.78 34.42
N ALA B 305 -45.87 6.49 33.94
CA ALA B 305 -46.29 6.77 32.57
C ALA B 305 -46.13 8.27 32.26
N ALA B 306 -46.50 9.12 33.23
CA ALA B 306 -46.44 10.57 33.18
C ALA B 306 -45.00 11.04 33.17
N ALA B 307 -44.12 10.43 33.99
CA ALA B 307 -42.70 10.77 34.08
C ALA B 307 -41.96 10.45 32.81
N LEU B 308 -42.38 9.39 32.09
CA LEU B 308 -41.72 8.95 30.86
C LEU B 308 -42.47 9.34 29.57
N ALA B 309 -43.43 10.28 29.68
CA ALA B 309 -44.20 10.77 28.52
C ALA B 309 -43.36 11.51 27.48
N ASP B 310 -42.18 11.98 27.87
CA ASP B 310 -41.23 12.74 27.06
C ASP B 310 -40.10 11.83 26.45
N ILE B 311 -39.94 10.60 26.98
CA ILE B 311 -38.92 9.64 26.53
C ILE B 311 -39.13 9.36 25.03
N ALA B 312 -38.11 9.63 24.18
CA ALA B 312 -38.19 9.43 22.73
C ALA B 312 -37.61 8.09 22.23
N PRO B 313 -38.46 7.07 22.01
CA PRO B 313 -37.94 5.80 21.51
C PRO B 313 -37.49 5.85 20.05
N MET B 314 -36.58 4.95 19.69
CA MET B 314 -36.02 4.79 18.35
C MET B 314 -36.03 3.32 17.96
N THR B 315 -35.96 3.04 16.66
CA THR B 315 -35.96 1.67 16.17
C THR B 315 -34.65 1.00 16.54
N PRO B 316 -34.67 -0.16 17.21
CA PRO B 316 -33.43 -0.83 17.57
C PRO B 316 -32.58 -1.19 16.37
N LYS B 317 -31.29 -0.86 16.45
CA LYS B 317 -30.27 -1.15 15.44
C LYS B 317 -29.68 -2.58 15.60
N VAL B 318 -29.91 -3.24 16.75
CA VAL B 318 -29.40 -4.57 17.06
C VAL B 318 -30.58 -5.49 17.48
N PRO B 319 -30.55 -6.83 17.20
CA PRO B 319 -31.61 -7.73 17.70
C PRO B 319 -31.77 -7.59 19.23
N TYR B 320 -32.95 -7.26 19.68
CA TYR B 320 -33.25 -7.00 21.08
C TYR B 320 -34.28 -8.03 21.48
N TYR B 321 -33.84 -8.94 22.36
CA TYR B 321 -34.65 -10.03 22.87
C TYR B 321 -35.34 -9.54 24.15
N SER B 322 -36.62 -9.12 23.98
CA SER B 322 -37.37 -8.55 25.07
C SER B 322 -37.87 -9.53 26.12
N ALA B 323 -37.67 -9.21 27.40
CA ALA B 323 -38.21 -9.98 28.52
C ALA B 323 -39.55 -9.35 29.04
N THR B 324 -40.10 -8.35 28.31
CA THR B 324 -41.34 -7.64 28.67
C THR B 324 -42.45 -8.07 27.70
N LEU B 325 -42.13 -8.09 26.38
CA LEU B 325 -43.08 -8.40 25.35
C LEU B 325 -43.50 -9.86 25.36
N PHE B 326 -44.66 -10.13 24.77
CA PHE B 326 -45.24 -11.48 24.60
C PHE B 326 -44.26 -12.32 23.75
N ASP B 327 -43.69 -11.69 22.70
CA ASP B 327 -42.78 -12.27 21.74
C ASP B 327 -41.44 -11.60 21.93
N PRO B 328 -40.42 -12.33 22.40
CA PRO B 328 -39.10 -11.72 22.57
C PRO B 328 -38.44 -11.34 21.22
N ARG B 329 -38.82 -12.02 20.13
CA ARG B 329 -38.33 -11.70 18.81
C ARG B 329 -38.92 -10.37 18.28
N GLU B 330 -40.05 -9.90 18.83
CA GLU B 330 -40.64 -8.63 18.46
C GLU B 330 -39.67 -7.51 18.93
N GLN B 331 -39.56 -6.44 18.11
CA GLN B 331 -38.63 -5.33 18.45
C GLN B 331 -39.37 -4.22 19.20
N PRO B 332 -38.89 -3.91 20.41
CA PRO B 332 -39.60 -2.96 21.26
C PRO B 332 -39.72 -1.51 20.80
N VAL B 333 -40.84 -0.88 21.21
CA VAL B 333 -41.02 0.56 21.06
C VAL B 333 -40.85 1.01 22.49
N CYS B 334 -39.63 1.48 22.83
CA CYS B 334 -39.30 1.79 24.21
C CYS B 334 -39.86 3.11 24.73
N ASP B 335 -41.18 3.29 24.62
CA ASP B 335 -41.87 4.45 25.14
C ASP B 335 -42.26 4.23 26.62
N GLY B 336 -42.92 5.21 27.24
CA GLY B 336 -43.33 5.13 28.62
C GLY B 336 -44.16 3.91 28.94
N ALA B 337 -44.99 3.48 27.98
CA ALA B 337 -45.85 2.30 28.10
C ALA B 337 -44.99 1.05 28.23
N TYR B 338 -43.89 0.97 27.45
CA TYR B 338 -43.00 -0.17 27.51
C TYR B 338 -42.38 -0.29 28.90
N TRP B 339 -41.95 0.84 29.49
CA TRP B 339 -41.32 0.79 30.81
C TRP B 339 -42.29 0.54 31.93
N VAL B 340 -43.57 0.90 31.76
CA VAL B 340 -44.60 0.59 32.75
C VAL B 340 -44.83 -0.95 32.69
N ASP B 341 -44.95 -1.51 31.48
CA ASP B 341 -45.13 -2.95 31.31
C ASP B 341 -43.91 -3.70 31.79
N ASN B 342 -42.71 -3.15 31.60
CA ASN B 342 -41.46 -3.78 32.06
C ASN B 342 -41.45 -4.01 33.60
N LEU B 343 -41.99 -3.02 34.34
CA LEU B 343 -42.06 -3.06 35.79
C LEU B 343 -43.22 -3.93 36.30
N ARG B 344 -44.34 -3.96 35.56
CA ARG B 344 -45.51 -4.68 36.01
C ARG B 344 -45.64 -6.13 35.47
N ASN B 345 -45.26 -6.36 34.22
CA ASN B 345 -45.32 -7.70 33.63
C ASN B 345 -44.19 -8.62 34.18
N THR B 346 -44.35 -9.91 34.03
CA THR B 346 -43.34 -10.89 34.43
C THR B 346 -42.02 -10.70 33.64
N VAL B 347 -40.85 -10.96 34.29
CA VAL B 347 -39.54 -10.88 33.62
C VAL B 347 -39.38 -12.23 32.88
N GLN B 348 -39.66 -12.28 31.57
CA GLN B 348 -39.58 -13.51 30.77
C GLN B 348 -38.16 -13.68 30.25
N PHE B 349 -37.19 -13.81 31.18
CA PHE B 349 -35.76 -13.89 30.79
C PHE B 349 -35.45 -15.21 30.09
N ALA B 350 -35.97 -16.36 30.61
CA ALA B 350 -35.75 -17.66 30.01
C ALA B 350 -36.23 -17.71 28.57
N ALA B 351 -37.43 -17.14 28.26
CA ALA B 351 -37.98 -17.08 26.92
C ALA B 351 -37.15 -16.24 25.98
N ALA B 352 -36.60 -15.08 26.45
CA ALA B 352 -35.78 -14.18 25.65
C ALA B 352 -34.45 -14.88 25.34
N VAL B 353 -33.79 -15.53 26.34
CA VAL B 353 -32.55 -16.28 26.10
C VAL B 353 -32.81 -17.45 25.14
N GLN B 354 -33.90 -18.20 25.37
CA GLN B 354 -34.29 -19.32 24.52
C GLN B 354 -34.52 -18.90 23.06
N ALA B 355 -35.15 -17.73 22.84
CA ALA B 355 -35.37 -17.24 21.47
C ALA B 355 -34.02 -16.97 20.80
N ALA B 356 -33.06 -16.28 21.50
CA ALA B 356 -31.72 -15.97 21.00
C ALA B 356 -30.96 -17.24 20.67
N MET B 357 -31.07 -18.27 21.51
CA MET B 357 -30.41 -19.55 21.27
C MET B 357 -31.05 -20.28 20.07
N GLU B 358 -32.39 -20.27 19.99
CA GLU B 358 -33.09 -20.87 18.85
C GLU B 358 -32.69 -20.18 17.55
N ASP B 359 -32.41 -18.87 17.60
CA ASP B 359 -31.96 -18.09 16.43
C ASP B 359 -30.47 -18.28 16.09
N GLY B 360 -29.73 -19.04 16.90
CA GLY B 360 -28.35 -19.35 16.59
C GLY B 360 -27.25 -18.73 17.42
N TYR B 361 -27.60 -17.90 18.40
CA TYR B 361 -26.59 -17.29 19.24
C TYR B 361 -26.11 -18.30 20.30
N ARG B 362 -24.78 -18.48 20.44
CA ARG B 362 -24.19 -19.42 21.39
C ARG B 362 -23.25 -18.77 22.39
N VAL B 363 -22.81 -17.53 22.13
CA VAL B 363 -21.89 -16.84 23.02
C VAL B 363 -22.60 -15.66 23.69
N PHE B 364 -22.71 -15.71 25.03
CA PHE B 364 -23.37 -14.73 25.88
C PHE B 364 -22.38 -14.16 26.83
N ALA B 365 -22.38 -12.85 27.06
CA ALA B 365 -21.47 -12.24 28.03
C ALA B 365 -22.26 -11.27 28.85
N GLU B 366 -22.23 -11.42 30.17
CA GLU B 366 -22.97 -10.56 31.05
C GLU B 366 -22.22 -9.29 31.38
N LEU B 367 -22.68 -8.15 30.87
CA LEU B 367 -22.02 -6.88 31.19
C LEU B 367 -22.64 -6.31 32.45
N SER B 368 -22.11 -6.70 33.61
CA SER B 368 -22.65 -6.32 34.92
C SER B 368 -21.54 -6.40 35.97
N PRO B 369 -21.71 -5.74 37.14
CA PRO B 369 -20.64 -5.75 38.17
C PRO B 369 -20.26 -7.12 38.73
N HIS B 370 -21.15 -8.14 38.59
CA HIS B 370 -20.95 -9.50 39.06
C HIS B 370 -21.99 -10.37 38.37
N PRO B 371 -21.65 -11.63 37.94
CA PRO B 371 -22.63 -12.46 37.24
C PRO B 371 -23.81 -13.00 38.09
N LEU B 372 -25.03 -12.60 37.68
CA LEU B 372 -26.28 -13.03 38.30
C LEU B 372 -27.02 -14.01 37.42
N LEU B 373 -26.79 -14.00 36.10
CA LEU B 373 -27.57 -14.78 35.15
C LEU B 373 -26.76 -15.72 34.26
N THR B 374 -25.52 -16.03 34.64
CA THR B 374 -24.69 -16.92 33.86
C THR B 374 -25.26 -18.32 33.96
N HIS B 375 -25.63 -18.76 35.19
CA HIS B 375 -26.22 -20.08 35.45
C HIS B 375 -27.52 -20.21 34.78
N ALA B 376 -28.36 -19.14 34.78
CA ALA B 376 -29.66 -19.13 34.06
C ALA B 376 -29.47 -19.43 32.57
N VAL B 377 -28.48 -18.75 31.88
CA VAL B 377 -28.16 -18.93 30.46
C VAL B 377 -27.70 -20.39 30.23
N GLU B 378 -26.82 -20.93 31.11
CA GLU B 378 -26.33 -22.31 30.99
C GLU B 378 -27.46 -23.32 31.10
N GLN B 379 -28.37 -23.10 32.05
CA GLN B 379 -29.53 -23.95 32.27
C GLN B 379 -30.45 -23.96 31.04
N THR B 380 -30.65 -22.79 30.36
CA THR B 380 -31.49 -22.76 29.15
C THR B 380 -30.79 -23.53 28.01
N GLY B 381 -29.48 -23.31 27.81
CA GLY B 381 -28.74 -24.06 26.80
C GLY B 381 -28.82 -25.58 26.96
N ARG B 382 -28.67 -26.08 28.22
CA ARG B 382 -28.73 -27.49 28.61
C ARG B 382 -30.13 -28.04 28.28
N SER B 383 -31.19 -27.24 28.50
CA SER B 383 -32.56 -27.66 28.20
C SER B 383 -32.79 -27.80 26.70
N LEU B 384 -32.12 -26.98 25.89
CA LEU B 384 -32.19 -27.04 24.42
C LEU B 384 -31.13 -28.00 23.82
N ASP B 385 -30.33 -28.67 24.65
CA ASP B 385 -29.25 -29.58 24.25
C ASP B 385 -28.21 -28.86 23.38
N MET B 386 -27.87 -27.62 23.79
CA MET B 386 -26.91 -26.80 23.05
C MET B 386 -25.69 -26.47 23.85
N SER B 387 -24.57 -26.33 23.16
CA SER B 387 -23.32 -25.95 23.83
C SER B 387 -23.21 -24.44 23.69
N VAL B 388 -23.38 -23.76 24.82
CA VAL B 388 -23.32 -22.31 24.88
C VAL B 388 -22.22 -21.87 25.84
N ALA B 389 -21.78 -20.60 25.70
CA ALA B 389 -20.79 -19.98 26.56
C ALA B 389 -21.45 -18.84 27.26
N ALA B 390 -21.43 -18.82 28.60
CA ALA B 390 -22.02 -17.73 29.37
C ALA B 390 -20.89 -17.07 30.15
N LEU B 391 -20.33 -16.01 29.63
CA LEU B 391 -19.22 -15.32 30.22
C LEU B 391 -19.66 -14.22 31.17
N ALA B 392 -18.77 -13.81 32.06
CA ALA B 392 -19.02 -12.72 32.99
C ALA B 392 -18.04 -11.56 32.59
N GLY B 393 -18.58 -10.35 32.44
CA GLY B 393 -17.78 -9.18 32.10
C GLY B 393 -16.87 -8.80 33.24
N MET B 394 -17.43 -8.85 34.50
CA MET B 394 -16.67 -8.66 35.72
C MET B 394 -17.24 -9.44 36.90
N ARG B 395 -16.41 -9.64 37.90
CA ARG B 395 -16.76 -10.31 39.14
C ARG B 395 -16.40 -9.44 40.34
N ARG B 396 -17.11 -9.63 41.42
CA ARG B 396 -16.88 -9.00 42.70
C ARG B 396 -15.44 -9.23 43.15
N GLU B 397 -14.77 -8.12 43.45
CA GLU B 397 -13.40 -8.01 43.94
C GLU B 397 -12.32 -8.55 42.98
N GLN B 398 -12.66 -8.78 41.72
CA GLN B 398 -11.71 -9.30 40.73
C GLN B 398 -10.81 -8.19 40.21
N PRO B 399 -9.49 -8.40 40.33
CA PRO B 399 -8.54 -7.42 39.80
C PRO B 399 -8.66 -7.27 38.31
N LEU B 400 -8.70 -6.03 37.82
CA LEU B 400 -8.78 -5.73 36.40
C LEU B 400 -7.63 -4.79 36.04
N PRO B 401 -6.37 -5.25 36.16
CA PRO B 401 -5.25 -4.34 35.88
C PRO B 401 -5.20 -3.96 34.41
N HIS B 402 -5.64 -4.85 33.51
CA HIS B 402 -5.65 -4.54 32.09
C HIS B 402 -7.05 -4.31 31.55
N GLY B 403 -7.92 -3.80 32.40
CA GLY B 403 -9.28 -3.52 32.03
C GLY B 403 -10.06 -4.72 31.51
N LEU B 404 -10.74 -4.50 30.39
CA LEU B 404 -11.56 -5.53 29.79
C LEU B 404 -10.88 -6.37 28.70
N ARG B 405 -9.54 -6.31 28.62
CA ARG B 405 -8.77 -7.10 27.68
C ARG B 405 -9.00 -8.60 27.85
N GLY B 406 -9.27 -9.02 29.11
CA GLY B 406 -9.55 -10.41 29.43
C GLY B 406 -10.86 -10.89 28.85
N LEU B 407 -11.88 -10.04 28.90
CA LEU B 407 -13.19 -10.38 28.34
C LEU B 407 -13.10 -10.49 26.86
N LEU B 408 -12.31 -9.60 26.19
CA LEU B 408 -12.08 -9.67 24.74
C LEU B 408 -11.48 -11.06 24.37
N THR B 409 -10.46 -11.51 25.12
CA THR B 409 -9.79 -12.77 24.92
C THR B 409 -10.78 -13.92 25.07
N GLU B 410 -11.65 -13.88 26.12
CA GLU B 410 -12.63 -14.92 26.36
C GLU B 410 -13.67 -14.96 25.30
N LEU B 411 -14.07 -13.81 24.73
CA LEU B 411 -15.03 -13.79 23.62
C LEU B 411 -14.41 -14.47 22.40
N HIS B 412 -13.13 -14.17 22.12
CA HIS B 412 -12.44 -14.78 20.98
C HIS B 412 -12.34 -16.32 21.20
N ARG B 413 -11.90 -16.74 22.38
CA ARG B 413 -11.75 -18.15 22.69
C ARG B 413 -13.06 -18.91 22.56
N ALA B 414 -14.19 -18.26 22.90
CA ALA B 414 -15.53 -18.82 22.81
C ALA B 414 -16.11 -18.86 21.39
N GLY B 415 -15.52 -18.13 20.45
CA GLY B 415 -15.97 -18.16 19.08
C GLY B 415 -16.94 -17.06 18.66
N ALA B 416 -16.95 -15.93 19.40
CA ALA B 416 -17.82 -14.83 19.02
C ALA B 416 -17.18 -14.10 17.83
N ALA B 417 -18.01 -13.63 16.92
CA ALA B 417 -17.55 -12.83 15.80
C ALA B 417 -17.05 -11.48 16.35
N LEU B 418 -15.84 -11.08 15.96
CA LEU B 418 -15.22 -9.82 16.34
C LEU B 418 -14.78 -9.10 15.07
N ASP B 419 -14.49 -7.81 15.22
CA ASP B 419 -13.99 -6.96 14.15
C ASP B 419 -12.51 -6.87 14.35
N TYR B 420 -11.80 -7.84 13.78
CA TYR B 420 -10.35 -7.90 13.95
C TYR B 420 -9.65 -6.67 13.35
N SER B 421 -10.30 -5.95 12.41
CA SER B 421 -9.74 -4.73 11.83
C SER B 421 -9.57 -3.60 12.88
N ALA B 422 -10.35 -3.64 13.99
CA ALA B 422 -10.27 -2.65 15.06
C ALA B 422 -9.07 -2.92 15.98
N LEU B 423 -8.84 -4.20 16.23
CA LEU B 423 -7.79 -4.65 17.13
C LEU B 423 -6.43 -4.79 16.40
N TYR B 424 -6.48 -5.15 15.10
CA TYR B 424 -5.35 -5.43 14.23
C TYR B 424 -5.50 -4.64 12.94
N PRO B 425 -5.27 -3.32 13.00
CA PRO B 425 -5.38 -2.51 11.81
C PRO B 425 -4.28 -2.84 10.78
N ALA B 426 -4.66 -2.75 9.52
CA ALA B 426 -3.74 -2.98 8.43
C ALA B 426 -2.92 -1.72 8.22
N GLY B 427 -1.76 -1.89 7.58
CA GLY B 427 -0.85 -0.79 7.30
C GLY B 427 0.45 -1.27 6.70
N ARG B 428 0.61 -1.04 5.41
CA ARG B 428 1.82 -1.42 4.69
C ARG B 428 2.03 -0.46 3.53
N LEU B 429 3.26 -0.41 2.99
CA LEU B 429 3.55 0.48 1.87
C LEU B 429 2.84 0.13 0.57
N VAL B 430 2.30 1.12 -0.10
CA VAL B 430 1.60 0.93 -1.35
C VAL B 430 2.15 1.85 -2.42
N ASP B 431 1.82 1.57 -3.68
CA ASP B 431 2.37 2.25 -4.79
C ASP B 431 1.71 3.58 -5.13
N ALA B 432 1.57 4.49 -4.16
CA ALA B 432 1.01 5.83 -4.42
C ALA B 432 2.01 6.72 -5.13
N PRO B 433 1.58 7.79 -5.83
CA PRO B 433 2.52 8.63 -6.57
C PRO B 433 3.62 9.30 -5.75
N LEU B 434 4.74 9.53 -6.40
CA LEU B 434 5.90 10.16 -5.80
C LEU B 434 6.03 11.40 -6.60
N PRO B 435 5.75 12.57 -6.06
CA PRO B 435 5.95 13.80 -6.86
C PRO B 435 7.44 13.98 -7.25
N ALA B 436 7.74 14.58 -8.41
CA ALA B 436 9.14 14.82 -8.85
C ALA B 436 9.95 15.53 -7.74
N TRP B 437 11.30 15.33 -7.67
CA TRP B 437 12.06 16.05 -6.66
C TRP B 437 12.20 17.50 -7.14
N GLY B 438 11.90 18.44 -6.26
CA GLY B 438 11.89 19.85 -6.63
C GLY B 438 10.59 20.18 -7.36
N SER B 439 9.48 19.57 -6.82
CA SER B 439 8.12 19.62 -7.32
C SER B 439 7.15 18.83 -6.41
C1 MLA C . 26.94 11.18 -44.23
O1B MLA C . 27.49 10.75 -43.24
C2 MLA C . 27.16 10.65 -45.63
C3 MLA C . 25.90 10.44 -46.43
O3A MLA C . 25.56 9.36 -46.91
O3B MLA C . 25.18 11.52 -46.62
HC21 MLA C . 27.69 9.70 -45.56
HC22 MLA C . 27.84 11.29 -46.18
H3B MLA C . 24.26 11.46 -46.27
C1 MLA D . -35.02 -5.80 38.49
O1B MLA D . -33.83 -6.03 38.57
C2 MLA D . -35.86 -5.28 39.63
C3 MLA D . -37.05 -4.50 39.14
O3A MLA D . -37.06 -3.28 39.10
O3B MLA D . -38.05 -5.22 38.68
HC21 MLA D . -35.24 -4.63 40.25
HC22 MLA D . -36.17 -6.07 40.30
H3B MLA D . -38.36 -4.95 37.78
#